data_9GH9
#
_entry.id   9GH9
#
_cell.length_a   78.32
_cell.length_b   176.1
_cell.length_c   60.85
_cell.angle_alpha   90
_cell.angle_beta   90
_cell.angle_gamma   90
#
_symmetry.space_group_name_H-M   'P 21 21 2'
#
loop_
_entity.id
_entity.type
_entity.pdbx_description
1 polymer 'Aspartate aminotransferase family protein'
2 non-polymer 1,2-ETHANEDIOL
3 non-polymer "PYRIDOXAL-5'-PHOSPHATE"
4 non-polymer 'SULFATE ION'
5 water water
#
_entity_poly.entity_id   1
_entity_poly.type   'polypeptide(L)'
_entity_poly.pdbx_seq_one_letter_code
;MGNPIAVSKDLSRTAYDHLWMHFTRMSSYESAPVPTIVRGEGTYIFDDQGRRYLDGLAGLFVVQAGHGRTELAEAASKQA
QDLAFFPIWSYAHPKAVELAERLAHEAPGDLNKVFFTTGGGEAVETAWKLAKQYFKLTGKPTKHKVISRAVAYHGTPQGA
LSITGLPALKAPFEPLVPGAHKVPNTNIYRAPLFGDDPEAFGRWAADQIEQQILFEGPETVAAVFLEPVQNAGGCFPPPP
GYFQRVREICDQYDVLLVSDEVICAFGRLGTTFACDKFGYVPDMITCA(LLP)GMTSGYSPIGACIISDRLAEPFYQGDN
TFLHGYTFGGHPVSSAVALANLDIFDREGLNQHVLDNEGTFFATLQKLHDLPIVGDVRGNGFFYGIELVKDKATKETFTE
EETERVLYGFLSKALFDNGLYCRADDRGDPVIQLAPPLISDQSTFDEIEGILRTVLTEAWTKLHHHHHH
;
_entity_poly.pdbx_strand_id   A,B
#
# COMPACT_ATOMS: atom_id res chain seq x y z
N LYS A 9 0.86 -21.46 22.46
CA LYS A 9 1.04 -22.94 22.52
C LYS A 9 0.01 -23.56 21.57
N ASP A 10 -1.17 -22.93 21.51
CA ASP A 10 -2.13 -23.16 20.46
C ASP A 10 -1.92 -22.03 19.46
N LEU A 11 -2.19 -20.79 19.90
CA LEU A 11 -2.27 -19.63 19.03
C LEU A 11 -0.91 -18.91 18.91
N SER A 12 0.00 -19.07 19.89
CA SER A 12 1.39 -18.66 19.67
C SER A 12 2.04 -19.58 18.65
N ARG A 13 1.66 -20.86 18.68
CA ARG A 13 2.06 -21.80 17.65
C ARG A 13 1.44 -21.46 16.30
N THR A 14 0.15 -21.13 16.27
CA THR A 14 -0.49 -20.79 15.00
C THR A 14 0.22 -19.59 14.39
N ALA A 15 0.58 -18.62 15.24
CA ALA A 15 1.22 -17.42 14.75
C ALA A 15 2.59 -17.76 14.17
N TYR A 16 3.41 -18.51 14.94
CA TYR A 16 4.73 -18.85 14.42
C TYR A 16 4.62 -19.66 13.13
N ASP A 17 3.60 -20.52 13.01
CA ASP A 17 3.48 -21.40 11.86
CA ASP A 17 3.49 -21.40 11.86
C ASP A 17 3.02 -20.64 10.62
N HIS A 18 2.25 -19.54 10.80
CA HIS A 18 1.64 -18.94 9.60
C HIS A 18 1.81 -17.43 9.45
N LEU A 19 1.96 -16.70 10.55
CA LEU A 19 1.97 -15.25 10.47
C LEU A 19 3.40 -14.78 10.34
N TRP A 20 3.82 -14.36 9.14
CA TRP A 20 5.16 -13.82 8.98
C TRP A 20 5.16 -12.35 9.38
N MET A 21 5.59 -12.10 10.63
CA MET A 21 5.54 -10.75 11.17
C MET A 21 6.54 -9.83 10.49
N HIS A 22 6.22 -8.53 10.49
CA HIS A 22 7.00 -7.50 9.81
C HIS A 22 8.18 -7.10 10.68
N PHE A 23 9.34 -6.89 10.06
CA PHE A 23 10.55 -6.44 10.76
C PHE A 23 10.83 -7.26 12.03
N THR A 24 10.70 -8.56 11.88
CA THR A 24 10.80 -9.50 13.02
C THR A 24 11.84 -10.58 12.73
N ARG A 25 12.65 -10.87 13.77
CA ARG A 25 13.52 -12.04 13.73
C ARG A 25 12.66 -13.23 14.16
N MET A 26 12.19 -14.01 13.20
CA MET A 26 11.18 -15.02 13.42
C MET A 26 11.72 -16.12 14.35
N SER A 27 13.02 -16.40 14.32
CA SER A 27 13.58 -17.43 15.21
C SER A 27 13.42 -17.07 16.69
N SER A 28 13.22 -15.79 17.01
N SER A 28 13.22 -15.79 17.01
CA SER A 28 12.98 -15.37 18.39
CA SER A 28 12.98 -15.38 18.39
C SER A 28 11.77 -16.08 19.00
C SER A 28 11.77 -16.09 19.01
N TYR A 29 10.86 -16.57 18.16
CA TYR A 29 9.61 -17.22 18.60
C TYR A 29 9.62 -18.74 18.38
N GLU A 30 10.81 -19.30 18.10
CA GLU A 30 11.04 -20.74 18.02
C GLU A 30 10.65 -21.38 19.37
N SER A 31 11.20 -20.83 20.47
N SER A 31 11.21 -20.84 20.47
CA SER A 31 11.03 -21.37 21.82
CA SER A 31 10.98 -21.38 21.82
C SER A 31 10.55 -20.28 22.78
C SER A 31 10.54 -20.28 22.78
N ALA A 32 9.68 -19.39 22.28
CA ALA A 32 9.07 -18.36 23.11
C ALA A 32 7.76 -17.96 22.46
N PRO A 33 6.72 -17.70 23.27
CA PRO A 33 5.42 -17.31 22.73
C PRO A 33 5.51 -15.95 22.04
N VAL A 34 4.68 -15.82 21.02
CA VAL A 34 4.54 -14.54 20.35
C VAL A 34 3.66 -13.66 21.23
N PRO A 35 4.09 -12.44 21.60
CA PRO A 35 3.23 -11.54 22.37
C PRO A 35 2.04 -11.14 21.48
N THR A 36 0.83 -11.40 21.97
CA THR A 36 -0.39 -11.28 21.20
C THR A 36 -1.29 -10.27 21.87
N ILE A 37 -1.57 -9.14 21.21
CA ILE A 37 -2.39 -8.09 21.75
C ILE A 37 -3.79 -8.29 21.21
N VAL A 38 -4.79 -8.20 22.11
CA VAL A 38 -6.16 -8.55 21.76
C VAL A 38 -7.17 -7.42 21.95
N ARG A 39 -6.85 -6.40 22.75
CA ARG A 39 -7.81 -5.39 23.12
C ARG A 39 -7.02 -4.14 23.46
N GLY A 40 -7.61 -2.98 23.21
CA GLY A 40 -7.07 -1.75 23.75
C GLY A 40 -8.19 -0.88 24.30
N GLU A 41 -7.83 -0.04 25.28
CA GLU A 41 -8.74 0.91 25.83
C GLU A 41 -7.96 2.16 26.20
N GLY A 42 -8.27 3.25 25.52
CA GLY A 42 -7.56 4.50 25.82
C GLY A 42 -6.07 4.39 25.48
N THR A 43 -5.22 4.63 26.52
CA THR A 43 -3.78 4.55 26.45
C THR A 43 -3.26 3.15 26.73
N TYR A 44 -4.09 2.14 26.97
CA TYR A 44 -3.61 0.82 27.36
C TYR A 44 -4.00 -0.22 26.31
N ILE A 45 -3.16 -1.25 26.23
CA ILE A 45 -3.45 -2.45 25.46
C ILE A 45 -3.36 -3.66 26.39
N PHE A 46 -3.98 -4.75 25.95
CA PHE A 46 -4.06 -5.96 26.77
C PHE A 46 -3.65 -7.14 25.90
N ASP A 47 -2.89 -8.07 26.49
CA ASP A 47 -2.50 -9.29 25.80
C ASP A 47 -3.56 -10.38 26.00
N ASP A 48 -3.33 -11.54 25.37
CA ASP A 48 -4.27 -12.63 25.37
C ASP A 48 -4.38 -13.30 26.73
N GLN A 49 -3.56 -12.85 27.68
CA GLN A 49 -3.70 -13.30 29.07
C GLN A 49 -4.38 -12.25 29.96
N GLY A 50 -4.72 -11.09 29.41
CA GLY A 50 -5.31 -10.02 30.18
C GLY A 50 -4.30 -9.09 30.86
N ARG A 51 -2.99 -9.30 30.62
CA ARG A 51 -1.98 -8.39 31.15
C ARG A 51 -2.10 -7.06 30.40
N ARG A 52 -1.87 -5.96 31.10
CA ARG A 52 -2.08 -4.61 30.61
C ARG A 52 -0.75 -3.91 30.43
N TYR A 53 -0.65 -3.14 29.32
CA TYR A 53 0.56 -2.42 28.97
C TYR A 53 0.15 -1.01 28.55
N LEU A 54 0.99 -0.05 28.96
CA LEU A 54 0.84 1.30 28.44
C LEU A 54 1.31 1.28 26.99
N ASP A 55 0.47 1.82 26.07
CA ASP A 55 0.79 1.81 24.66
C ASP A 55 1.72 3.00 24.36
N GLY A 56 3.00 2.83 24.65
CA GLY A 56 3.94 3.93 24.63
C GLY A 56 4.25 4.43 23.21
N LEU A 57 3.91 3.67 22.15
CA LEU A 57 4.11 4.10 20.77
C LEU A 57 2.79 4.37 20.06
N ALA A 58 1.64 4.29 20.76
CA ALA A 58 0.37 4.39 20.08
C ALA A 58 0.33 3.40 18.91
N GLY A 59 0.71 2.16 19.21
CA GLY A 59 0.69 1.10 18.24
C GLY A 59 1.99 1.17 17.44
N LEU A 60 2.02 2.09 16.47
CA LEU A 60 3.22 2.31 15.67
C LEU A 60 3.20 3.76 15.21
N PHE A 61 3.14 4.69 16.17
CA PHE A 61 2.98 6.11 15.89
C PHE A 61 1.65 6.37 15.18
N VAL A 62 0.57 5.70 15.63
CA VAL A 62 -0.68 5.65 14.87
C VAL A 62 -1.90 6.08 15.66
N VAL A 63 -2.11 5.52 16.86
CA VAL A 63 -3.42 5.52 17.51
C VAL A 63 -3.57 6.81 18.32
N GLN A 64 -3.75 7.92 17.57
CA GLN A 64 -3.67 9.23 18.15
C GLN A 64 -4.77 9.41 19.20
N ALA A 65 -6.01 9.02 18.85
CA ALA A 65 -7.16 9.29 19.71
C ALA A 65 -7.33 8.28 20.83
N GLY A 66 -6.50 7.24 20.84
CA GLY A 66 -6.65 6.16 21.81
C GLY A 66 -7.46 5.00 21.26
N HIS A 67 -7.38 3.86 21.93
CA HIS A 67 -8.09 2.67 21.57
C HIS A 67 -9.51 2.65 22.13
N GLY A 68 -10.36 1.81 21.54
CA GLY A 68 -11.70 1.54 22.03
C GLY A 68 -12.72 2.62 21.70
N ARG A 69 -12.48 3.41 20.66
CA ARG A 69 -13.38 4.47 20.28
C ARG A 69 -14.62 3.95 19.54
N THR A 70 -15.74 3.83 20.27
N THR A 70 -15.74 3.86 20.28
CA THR A 70 -16.96 3.35 19.69
CA THR A 70 -17.00 3.39 19.74
C THR A 70 -17.39 4.24 18.54
C THR A 70 -17.41 4.25 18.55
N GLU A 71 -17.12 5.54 18.64
CA GLU A 71 -17.56 6.44 17.59
CA GLU A 71 -17.45 6.51 17.61
C GLU A 71 -16.87 6.13 16.25
N LEU A 72 -15.62 5.70 16.27
CA LEU A 72 -14.90 5.36 15.06
C LEU A 72 -15.33 3.96 14.55
N ALA A 73 -15.58 3.01 15.45
CA ALA A 73 -16.15 1.72 15.09
C ALA A 73 -17.49 1.90 14.35
N GLU A 74 -18.36 2.73 14.93
CA GLU A 74 -19.69 2.92 14.33
C GLU A 74 -19.60 3.73 13.04
N ALA A 75 -18.60 4.62 12.92
CA ALA A 75 -18.43 5.34 11.67
C ALA A 75 -18.11 4.32 10.56
N ALA A 76 -17.32 3.31 10.89
CA ALA A 76 -16.97 2.28 9.92
C ALA A 76 -18.19 1.47 9.49
N SER A 77 -18.96 0.95 10.46
N SER A 77 -18.95 0.97 10.46
CA SER A 77 -20.12 0.14 10.09
CA SER A 77 -20.13 0.18 10.19
C SER A 77 -21.14 0.96 9.32
C SER A 77 -21.13 0.96 9.34
N LYS A 78 -21.35 2.22 9.72
CA LYS A 78 -22.36 3.02 9.05
CA LYS A 78 -22.36 3.02 9.05
C LYS A 78 -21.99 3.19 7.57
N GLN A 79 -20.72 3.49 7.30
CA GLN A 79 -20.30 3.66 5.92
C GLN A 79 -20.29 2.31 5.19
N ALA A 80 -19.78 1.25 5.80
CA ALA A 80 -19.68 -0.03 5.12
C ALA A 80 -21.06 -0.54 4.70
N GLN A 81 -22.09 -0.24 5.50
CA GLN A 81 -23.45 -0.68 5.17
C GLN A 81 -23.95 -0.01 3.91
N ASP A 82 -23.56 1.26 3.73
CA ASP A 82 -24.02 2.10 2.64
C ASP A 82 -23.24 1.89 1.35
N LEU A 83 -21.90 2.01 1.45
CA LEU A 83 -21.00 1.81 0.32
C LEU A 83 -19.62 1.55 0.91
N ALA A 84 -19.21 0.29 0.99
CA ALA A 84 -17.91 0.01 1.57
C ALA A 84 -16.75 0.26 0.60
N PHE A 85 -16.99 -0.01 -0.70
CA PHE A 85 -15.93 0.12 -1.68
C PHE A 85 -16.49 0.54 -3.02
N PHE A 86 -15.93 1.62 -3.56
CA PHE A 86 -15.99 1.93 -4.97
C PHE A 86 -14.68 2.67 -5.30
N PRO A 87 -14.00 2.44 -6.44
CA PRO A 87 -12.70 3.09 -6.66
C PRO A 87 -12.82 4.55 -7.01
N ILE A 88 -11.83 5.32 -6.60
CA ILE A 88 -11.74 6.72 -7.07
C ILE A 88 -10.95 6.79 -8.38
N TRP A 89 -11.34 5.91 -9.34
CA TRP A 89 -10.65 5.73 -10.60
C TRP A 89 -11.54 6.26 -11.71
N SER A 90 -11.52 7.59 -11.81
CA SER A 90 -12.34 8.44 -12.68
C SER A 90 -13.76 8.61 -12.12
N TYR A 91 -13.94 8.16 -10.89
CA TYR A 91 -15.18 8.32 -10.12
C TYR A 91 -14.83 8.92 -8.78
N ALA A 92 -15.84 9.55 -8.15
CA ALA A 92 -15.77 10.03 -6.79
C ALA A 92 -16.77 9.25 -5.94
N HIS A 93 -16.55 9.24 -4.62
CA HIS A 93 -17.60 8.93 -3.67
C HIS A 93 -17.54 9.97 -2.55
N PRO A 94 -18.66 10.22 -1.84
CA PRO A 94 -18.73 11.44 -1.04
C PRO A 94 -17.69 11.59 0.04
N LYS A 95 -17.37 10.50 0.75
CA LYS A 95 -16.47 10.65 1.88
C LYS A 95 -15.04 10.95 1.40
N ALA A 96 -14.61 10.39 0.26
CA ALA A 96 -13.29 10.76 -0.26
C ALA A 96 -13.26 12.23 -0.63
N VAL A 97 -14.32 12.70 -1.28
CA VAL A 97 -14.37 14.10 -1.66
C VAL A 97 -14.31 15.02 -0.42
N GLU A 98 -15.11 14.70 0.60
CA GLU A 98 -15.18 15.50 1.82
C GLU A 98 -13.81 15.47 2.52
N LEU A 99 -13.19 14.28 2.58
CA LEU A 99 -11.89 14.20 3.23
C LEU A 99 -10.80 14.92 2.44
N ALA A 100 -10.85 14.86 1.10
CA ALA A 100 -9.87 15.61 0.33
C ALA A 100 -10.02 17.11 0.59
N GLU A 101 -11.26 17.60 0.65
CA GLU A 101 -11.49 19.01 0.94
C GLU A 101 -10.93 19.37 2.32
N ARG A 102 -11.20 18.53 3.32
N ARG A 102 -11.19 18.54 3.32
CA ARG A 102 -10.78 18.80 4.68
CA ARG A 102 -10.78 18.80 4.69
C ARG A 102 -9.24 18.85 4.77
C ARG A 102 -9.25 18.85 4.77
N LEU A 103 -8.57 17.84 4.20
CA LEU A 103 -7.11 17.81 4.24
C LEU A 103 -6.53 19.03 3.54
N ALA A 104 -7.06 19.37 2.38
CA ALA A 104 -6.61 20.56 1.64
C ALA A 104 -6.79 21.81 2.48
N HIS A 105 -7.93 21.94 3.16
CA HIS A 105 -8.18 23.11 3.98
C HIS A 105 -7.17 23.26 5.12
N GLU A 106 -6.75 22.14 5.70
CA GLU A 106 -5.80 22.14 6.79
C GLU A 106 -4.37 22.35 6.30
N ALA A 107 -4.07 21.97 5.05
CA ALA A 107 -2.71 22.03 4.54
C ALA A 107 -2.31 23.47 4.28
N PRO A 108 -0.99 23.76 4.33
CA PRO A 108 -0.50 25.12 4.13
C PRO A 108 -0.53 25.49 2.67
N GLY A 109 -0.40 26.79 2.42
CA GLY A 109 -0.16 27.23 1.06
C GLY A 109 -1.23 26.76 0.09
N ASP A 110 -0.77 26.47 -1.12
CA ASP A 110 -1.62 26.00 -2.19
C ASP A 110 -1.66 24.47 -2.25
N LEU A 111 -1.37 23.79 -1.16
CA LEU A 111 -1.46 22.32 -1.17
C LEU A 111 -2.91 21.88 -1.07
N ASN A 112 -3.55 21.81 -2.24
CA ASN A 112 -4.98 21.66 -2.33
C ASN A 112 -5.40 20.37 -3.03
N LYS A 113 -4.45 19.64 -3.60
CA LYS A 113 -4.76 18.42 -4.33
C LYS A 113 -4.38 17.20 -3.50
N VAL A 114 -5.31 16.28 -3.33
CA VAL A 114 -5.06 15.13 -2.46
C VAL A 114 -5.13 13.83 -3.28
N PHE A 115 -3.99 13.15 -3.31
CA PHE A 115 -3.87 11.88 -3.99
C PHE A 115 -3.83 10.77 -2.95
N PHE A 116 -4.99 10.10 -2.79
CA PHE A 116 -5.09 9.10 -1.71
C PHE A 116 -4.33 7.81 -1.99
N THR A 117 -3.76 7.28 -0.90
CA THR A 117 -3.12 5.96 -0.85
C THR A 117 -3.71 5.18 0.32
N THR A 118 -3.18 3.98 0.60
CA THR A 118 -3.50 3.30 1.84
CA THR A 118 -3.51 3.31 1.84
C THR A 118 -2.40 3.50 2.87
N GLY A 119 -1.13 3.58 2.43
CA GLY A 119 -0.02 3.69 3.35
C GLY A 119 0.97 4.80 3.03
N GLY A 120 1.92 4.96 3.93
CA GLY A 120 2.95 5.97 3.82
C GLY A 120 3.96 5.68 2.71
N GLY A 121 4.44 4.44 2.61
CA GLY A 121 5.35 4.10 1.54
C GLY A 121 4.69 4.35 0.17
N GLU A 122 3.41 3.98 0.05
CA GLU A 122 2.68 4.24 -1.18
C GLU A 122 2.63 5.75 -1.46
N ALA A 123 2.49 6.57 -0.40
CA ALA A 123 2.47 8.02 -0.56
C ALA A 123 3.84 8.55 -1.02
N VAL A 124 4.90 8.03 -0.45
CA VAL A 124 6.25 8.43 -0.84
C VAL A 124 6.51 8.07 -2.30
N GLU A 125 6.11 6.84 -2.72
CA GLU A 125 6.21 6.44 -4.11
C GLU A 125 5.48 7.44 -5.01
N THR A 126 4.29 7.83 -4.57
CA THR A 126 3.47 8.80 -5.30
C THR A 126 4.24 10.11 -5.48
N ALA A 127 4.83 10.61 -4.40
CA ALA A 127 5.51 11.91 -4.44
C ALA A 127 6.68 11.86 -5.42
N TRP A 128 7.49 10.81 -5.37
CA TRP A 128 8.66 10.74 -6.26
C TRP A 128 8.19 10.61 -7.71
N LYS A 129 7.23 9.72 -8.00
CA LYS A 129 6.71 9.55 -9.35
C LYS A 129 6.14 10.88 -9.86
N LEU A 130 5.39 11.55 -8.98
CA LEU A 130 4.76 12.80 -9.41
C LEU A 130 5.84 13.83 -9.78
N ALA A 131 6.90 13.91 -8.97
CA ALA A 131 8.00 14.84 -9.23
C ALA A 131 8.61 14.55 -10.60
N LYS A 132 8.86 13.26 -10.90
CA LYS A 132 9.48 12.92 -12.17
C LYS A 132 8.59 13.39 -13.32
N GLN A 133 7.30 13.07 -13.26
CA GLN A 133 6.43 13.39 -14.37
C GLN A 133 6.26 14.91 -14.45
N TYR A 134 6.15 15.59 -13.32
CA TYR A 134 6.01 17.04 -13.30
C TYR A 134 7.13 17.69 -14.13
N PHE A 135 8.37 17.28 -13.89
CA PHE A 135 9.51 17.85 -14.62
C PHE A 135 9.49 17.45 -16.08
N LYS A 136 9.01 16.25 -16.44
CA LYS A 136 8.85 15.94 -17.85
C LYS A 136 7.82 16.89 -18.49
N LEU A 137 6.73 17.14 -17.80
CA LEU A 137 5.65 17.94 -18.37
C LEU A 137 6.04 19.40 -18.49
N THR A 138 7.06 19.84 -17.76
CA THR A 138 7.43 21.25 -17.75
C THR A 138 8.82 21.48 -18.33
N GLY A 139 9.28 20.55 -19.16
CA GLY A 139 10.43 20.76 -20.01
C GLY A 139 11.78 20.59 -19.36
N LYS A 140 11.82 19.83 -18.25
CA LYS A 140 13.05 19.56 -17.50
C LYS A 140 13.18 18.06 -17.30
N PRO A 141 13.28 17.29 -18.41
CA PRO A 141 13.15 15.83 -18.33
C PRO A 141 14.27 15.11 -17.61
N THR A 142 15.40 15.77 -17.39
CA THR A 142 16.51 15.11 -16.67
C THR A 142 16.34 15.19 -15.17
N LYS A 143 15.36 15.91 -14.66
CA LYS A 143 15.20 16.02 -13.20
C LYS A 143 14.53 14.76 -12.68
N HIS A 144 15.30 13.96 -11.92
CA HIS A 144 14.80 12.70 -11.43
C HIS A 144 15.34 12.26 -10.08
N LYS A 145 16.48 12.81 -9.65
CA LYS A 145 17.13 12.36 -8.45
C LYS A 145 16.45 12.87 -7.20
N VAL A 146 16.69 12.18 -6.08
CA VAL A 146 16.11 12.59 -4.81
C VAL A 146 17.18 12.60 -3.73
N ILE A 147 16.97 13.47 -2.73
CA ILE A 147 17.87 13.58 -1.59
C ILE A 147 17.07 13.36 -0.31
N SER A 148 17.68 12.61 0.62
CA SER A 148 17.11 12.33 1.92
C SER A 148 18.24 12.11 2.91
N ARG A 149 17.91 11.93 4.20
CA ARG A 149 18.91 11.90 5.23
C ARG A 149 19.32 10.49 5.60
N ALA A 150 20.59 10.43 5.96
CA ALA A 150 21.13 9.20 6.54
C ALA A 150 20.27 8.74 7.71
N VAL A 151 19.97 7.44 7.70
CA VAL A 151 19.29 6.74 8.79
C VAL A 151 17.80 7.03 8.77
N ALA A 152 17.24 7.77 7.80
CA ALA A 152 15.82 8.02 7.77
C ALA A 152 15.07 6.86 7.14
N TYR A 153 13.87 6.63 7.65
CA TYR A 153 13.00 5.61 7.06
C TYR A 153 11.85 6.30 6.34
N HIS A 154 11.66 5.91 5.06
CA HIS A 154 10.63 6.47 4.21
C HIS A 154 9.78 5.39 3.55
N GLY A 155 9.92 4.14 4.01
CA GLY A 155 9.10 3.03 3.54
C GLY A 155 9.87 1.94 2.81
N THR A 156 9.11 0.90 2.41
CA THR A 156 9.69 -0.35 1.94
C THR A 156 9.43 -0.74 0.48
N PRO A 157 8.40 -0.29 -0.26
CA PRO A 157 8.37 -0.58 -1.67
C PRO A 157 9.69 -0.02 -2.27
N GLN A 158 10.15 -0.58 -3.39
CA GLN A 158 11.52 -0.36 -3.78
C GLN A 158 11.88 1.09 -4.19
N GLY A 159 10.93 1.92 -4.63
CA GLY A 159 11.21 3.33 -4.82
C GLY A 159 11.37 4.04 -3.47
N ALA A 160 10.37 3.90 -2.58
CA ALA A 160 10.48 4.45 -1.24
C ALA A 160 11.75 3.99 -0.55
N LEU A 161 12.11 2.72 -0.80
CA LEU A 161 13.23 2.12 -0.11
C LEU A 161 14.54 2.74 -0.56
N SER A 162 14.57 3.26 -1.81
CA SER A 162 15.73 4.00 -2.29
C SER A 162 15.91 5.28 -1.46
N ILE A 163 14.78 5.94 -1.15
CA ILE A 163 14.79 7.16 -0.35
C ILE A 163 15.15 6.86 1.11
N THR A 164 14.71 5.71 1.59
CA THR A 164 15.13 5.22 2.89
C THR A 164 16.65 5.24 2.96
N GLY A 165 17.18 5.44 4.19
CA GLY A 165 18.60 5.68 4.45
C GLY A 165 19.18 4.71 5.46
N LEU A 166 18.57 3.53 5.58
CA LEU A 166 19.00 2.47 6.51
C LEU A 166 19.60 1.34 5.68
N PRO A 167 20.93 1.19 5.58
CA PRO A 167 21.51 0.17 4.72
C PRO A 167 21.05 -1.25 5.02
N ALA A 168 20.76 -1.56 6.30
CA ALA A 168 20.34 -2.92 6.60
C ALA A 168 19.03 -3.28 5.89
N LEU A 169 18.17 -2.28 5.67
CA LEU A 169 16.91 -2.49 4.96
C LEU A 169 17.08 -2.59 3.46
N LYS A 170 18.27 -2.23 2.95
CA LYS A 170 18.48 -2.01 1.52
C LYS A 170 19.43 -3.04 0.92
N ALA A 171 20.52 -3.39 1.63
CA ALA A 171 21.56 -4.20 1.03
C ALA A 171 21.06 -5.52 0.43
N PRO A 172 20.11 -6.25 1.05
CA PRO A 172 19.63 -7.51 0.46
C PRO A 172 18.89 -7.36 -0.86
N PHE A 173 18.47 -6.13 -1.14
CA PHE A 173 17.52 -5.89 -2.22
C PHE A 173 18.12 -5.07 -3.36
N GLU A 174 19.31 -4.48 -3.18
CA GLU A 174 19.92 -3.61 -4.18
C GLU A 174 20.23 -4.46 -5.41
N PRO A 175 20.15 -3.91 -6.63
CA PRO A 175 19.96 -2.48 -6.88
C PRO A 175 18.48 -2.10 -6.84
N LEU A 176 18.25 -0.84 -6.44
CA LEU A 176 16.91 -0.29 -6.29
C LEU A 176 16.66 0.71 -7.41
N VAL A 177 15.88 1.77 -7.16
CA VAL A 177 15.60 2.76 -8.19
C VAL A 177 16.72 3.77 -8.22
N PRO A 178 17.39 4.01 -9.35
CA PRO A 178 18.51 4.95 -9.32
C PRO A 178 18.09 6.35 -8.98
N GLY A 179 19.01 7.06 -8.32
CA GLY A 179 18.84 8.49 -8.19
C GLY A 179 18.75 8.98 -6.77
N ALA A 180 18.82 8.10 -5.75
CA ALA A 180 18.64 8.52 -4.38
C ALA A 180 19.99 8.72 -3.70
N HIS A 181 20.22 9.94 -3.20
CA HIS A 181 21.48 10.31 -2.59
C HIS A 181 21.20 10.82 -1.17
N LYS A 182 22.18 10.63 -0.29
CA LYS A 182 22.01 10.94 1.12
C LYS A 182 22.87 12.10 1.62
N VAL A 183 22.31 12.77 2.61
CA VAL A 183 22.99 13.85 3.32
C VAL A 183 22.91 13.54 4.79
N PRO A 184 23.70 14.23 5.64
CA PRO A 184 23.62 13.92 7.06
C PRO A 184 22.25 14.21 7.66
N ASN A 185 21.95 13.50 8.73
CA ASN A 185 20.80 13.80 9.55
C ASN A 185 21.18 14.92 10.54
N THR A 186 20.19 15.32 11.34
CA THR A 186 20.38 16.45 12.23
C THR A 186 20.46 15.99 13.68
N ASN A 187 21.13 14.87 13.92
CA ASN A 187 21.36 14.40 15.29
C ASN A 187 22.47 15.18 15.99
N ILE A 188 22.16 16.34 16.56
CA ILE A 188 23.21 17.21 17.09
C ILE A 188 24.00 16.52 18.21
N TYR A 189 23.35 15.60 18.92
CA TYR A 189 24.01 14.88 20.00
C TYR A 189 25.28 14.19 19.52
N ARG A 190 25.33 13.74 18.26
CA ARG A 190 26.52 13.10 17.71
C ARG A 190 27.04 13.84 16.47
N ALA A 191 26.83 15.15 16.42
CA ALA A 191 27.29 15.93 15.29
C ALA A 191 28.78 15.78 15.08
N PRO A 192 29.22 15.52 13.83
CA PRO A 192 30.65 15.55 13.52
C PRO A 192 31.27 16.93 13.62
N LEU A 193 30.45 17.95 13.37
CA LEU A 193 30.88 19.35 13.32
C LEU A 193 29.80 20.18 13.98
N PHE A 194 30.21 21.14 14.83
CA PHE A 194 29.33 22.20 15.30
C PHE A 194 28.30 21.69 16.31
N GLY A 195 28.62 20.61 17.03
CA GLY A 195 27.71 20.06 18.02
C GLY A 195 27.44 21.02 19.19
N ASP A 196 28.31 22.03 19.34
CA ASP A 196 28.18 23.00 20.40
C ASP A 196 27.61 24.31 19.87
N ASP A 197 27.01 24.29 18.68
CA ASP A 197 26.60 25.53 18.04
C ASP A 197 25.36 25.25 17.21
N PRO A 198 24.17 25.15 17.84
CA PRO A 198 22.96 24.70 17.14
C PRO A 198 22.64 25.42 15.85
N GLU A 199 22.81 26.74 15.81
CA GLU A 199 22.51 27.46 14.60
C GLU A 199 23.50 27.13 13.50
N ALA A 200 24.77 26.98 13.81
CA ALA A 200 25.75 26.61 12.79
C ALA A 200 25.48 25.18 12.34
N PHE A 201 25.18 24.29 13.29
CA PHE A 201 24.85 22.91 12.95
C PHE A 201 23.66 22.88 11.97
N GLY A 202 22.62 23.66 12.25
CA GLY A 202 21.45 23.67 11.38
C GLY A 202 21.78 24.17 9.97
N ARG A 203 22.60 25.22 9.90
CA ARG A 203 22.99 25.78 8.62
C ARG A 203 23.83 24.77 7.85
N TRP A 204 24.76 24.11 8.55
CA TRP A 204 25.59 23.08 7.94
C TRP A 204 24.78 21.92 7.39
N ALA A 205 23.83 21.45 8.20
CA ALA A 205 23.07 20.27 7.82
C ALA A 205 22.19 20.58 6.61
N ALA A 206 21.60 21.75 6.58
CA ALA A 206 20.83 22.18 5.43
C ALA A 206 21.72 22.38 4.20
N ASP A 207 22.87 23.00 4.39
CA ASP A 207 23.80 23.25 3.31
C ASP A 207 24.31 21.97 2.67
N GLN A 208 24.29 20.86 3.37
CA GLN A 208 24.68 19.62 2.75
C GLN A 208 23.72 19.20 1.64
N ILE A 209 22.47 19.61 1.73
CA ILE A 209 21.52 19.43 0.63
C ILE A 209 21.94 20.21 -0.60
N GLU A 210 22.34 21.49 -0.45
CA GLU A 210 22.91 22.22 -1.55
C GLU A 210 24.12 21.50 -2.13
N GLN A 211 25.03 21.02 -1.29
CA GLN A 211 26.24 20.38 -1.78
C GLN A 211 25.86 19.15 -2.63
N GLN A 212 24.92 18.32 -2.16
CA GLN A 212 24.57 17.15 -2.94
C GLN A 212 23.89 17.53 -4.25
N ILE A 213 23.08 18.59 -4.28
CA ILE A 213 22.49 19.11 -5.50
C ILE A 213 23.59 19.50 -6.50
N LEU A 214 24.61 20.21 -6.03
CA LEU A 214 25.70 20.63 -6.90
C LEU A 214 26.51 19.43 -7.38
N PHE A 215 26.75 18.47 -6.47
CA PHE A 215 27.50 17.29 -6.85
C PHE A 215 26.84 16.53 -8.00
N GLU A 216 25.50 16.38 -7.94
CA GLU A 216 24.81 15.57 -8.93
C GLU A 216 24.38 16.37 -10.16
N GLY A 217 24.33 17.70 -10.00
CA GLY A 217 23.90 18.61 -11.02
C GLY A 217 22.44 19.00 -10.80
N PRO A 218 22.12 20.27 -10.52
CA PRO A 218 20.74 20.61 -10.19
C PRO A 218 19.71 20.22 -11.24
N GLU A 219 20.07 20.24 -12.53
CA GLU A 219 19.11 19.89 -13.56
C GLU A 219 18.85 18.40 -13.60
N THR A 220 19.50 17.67 -12.70
CA THR A 220 19.21 16.24 -12.60
C THR A 220 18.42 15.88 -11.34
N VAL A 221 18.18 16.84 -10.44
CA VAL A 221 17.61 16.59 -9.13
C VAL A 221 16.16 17.06 -9.12
N ALA A 222 15.25 16.20 -8.68
CA ALA A 222 13.83 16.47 -8.62
C ALA A 222 13.33 16.87 -7.22
N ALA A 223 13.78 16.20 -6.15
CA ALA A 223 13.12 16.37 -4.87
C ALA A 223 14.02 16.06 -3.67
N VAL A 224 13.62 16.65 -2.53
CA VAL A 224 14.20 16.42 -1.24
C VAL A 224 13.10 15.94 -0.30
N PHE A 225 13.37 14.82 0.41
CA PHE A 225 12.39 14.22 1.29
C PHE A 225 12.90 14.32 2.73
N LEU A 226 12.13 14.97 3.61
CA LEU A 226 12.55 15.19 5.00
C LEU A 226 11.36 15.00 5.93
N GLU A 227 11.54 14.25 7.02
CA GLU A 227 10.58 14.23 8.11
C GLU A 227 10.72 15.52 8.94
N PRO A 228 9.61 16.05 9.50
CA PRO A 228 9.73 17.20 10.43
C PRO A 228 10.64 16.88 11.62
N VAL A 229 10.39 15.74 12.26
CA VAL A 229 11.25 15.17 13.29
C VAL A 229 11.59 13.76 12.85
N GLN A 230 12.89 13.46 12.70
CA GLN A 230 13.30 12.17 12.12
C GLN A 230 13.09 11.08 13.15
N ASN A 231 12.40 10.01 12.74
CA ASN A 231 12.19 8.84 13.60
C ASN A 231 13.42 7.93 13.68
N ALA A 232 13.71 7.24 12.58
CA ALA A 232 14.77 6.25 12.58
C ALA A 232 16.10 6.92 12.84
N GLY A 233 16.93 6.24 13.63
CA GLY A 233 18.13 6.85 14.20
C GLY A 233 17.90 7.29 15.62
N GLY A 234 16.65 7.64 15.95
CA GLY A 234 16.27 7.86 17.34
C GLY A 234 15.78 9.26 17.67
N CYS A 235 14.82 9.79 16.90
CA CYS A 235 14.04 10.97 17.22
C CYS A 235 14.91 12.23 17.22
N PHE A 236 15.13 12.80 16.03
CA PHE A 236 15.99 13.97 15.86
C PHE A 236 15.13 15.14 15.48
N PRO A 237 14.89 16.12 16.37
CA PRO A 237 14.23 17.34 15.99
C PRO A 237 15.14 18.23 15.15
N PRO A 238 14.54 19.17 14.39
CA PRO A 238 15.32 20.02 13.51
C PRO A 238 16.03 21.07 14.33
N PRO A 239 17.26 21.42 13.95
CA PRO A 239 17.97 22.51 14.63
C PRO A 239 17.38 23.84 14.23
N PRO A 240 17.71 24.88 14.99
CA PRO A 240 17.24 26.20 14.65
C PRO A 240 17.68 26.61 13.26
N GLY A 241 16.74 27.18 12.49
CA GLY A 241 17.04 27.73 11.18
C GLY A 241 17.09 26.71 10.04
N TYR A 242 17.02 25.42 10.39
CA TYR A 242 17.24 24.36 9.42
C TYR A 242 16.21 24.43 8.30
N PHE A 243 14.91 24.30 8.62
CA PHE A 243 13.93 24.19 7.56
C PHE A 243 13.85 25.46 6.68
N GLN A 244 14.06 26.64 7.28
CA GLN A 244 14.03 27.84 6.48
C GLN A 244 15.13 27.75 5.40
N ARG A 245 16.31 27.31 5.77
CA ARG A 245 17.42 27.18 4.83
C ARG A 245 17.14 26.11 3.77
N VAL A 246 16.55 24.98 4.20
CA VAL A 246 16.22 23.94 3.23
C VAL A 246 15.27 24.49 2.17
N ARG A 247 14.25 25.24 2.62
CA ARG A 247 13.28 25.80 1.70
C ARG A 247 13.96 26.75 0.71
N GLU A 248 14.90 27.57 1.21
CA GLU A 248 15.63 28.50 0.36
C GLU A 248 16.44 27.76 -0.71
N ILE A 249 17.08 26.67 -0.32
CA ILE A 249 17.91 25.87 -1.22
C ILE A 249 17.01 25.23 -2.29
N CYS A 250 15.88 24.67 -1.85
CA CYS A 250 14.98 24.01 -2.81
C CYS A 250 14.47 25.04 -3.83
N ASP A 251 14.09 26.24 -3.37
CA ASP A 251 13.65 27.32 -4.24
C ASP A 251 14.75 27.70 -5.24
N GLN A 252 15.96 27.87 -4.74
CA GLN A 252 17.09 28.29 -5.57
C GLN A 252 17.36 27.34 -6.72
N TYR A 253 17.34 26.03 -6.41
CA TYR A 253 17.72 25.03 -7.39
C TYR A 253 16.55 24.35 -8.11
N ASP A 254 15.31 24.85 -7.93
CA ASP A 254 14.15 24.29 -8.60
C ASP A 254 14.04 22.81 -8.25
N VAL A 255 14.07 22.54 -6.94
CA VAL A 255 13.89 21.19 -6.42
C VAL A 255 12.69 21.20 -5.50
N LEU A 256 11.90 20.13 -5.50
CA LEU A 256 10.68 20.10 -4.73
C LEU A 256 10.98 19.57 -3.32
N LEU A 257 10.35 20.18 -2.34
CA LEU A 257 10.48 19.75 -0.96
C LEU A 257 9.25 18.94 -0.56
N VAL A 258 9.53 17.67 -0.13
CA VAL A 258 8.47 16.78 0.36
C VAL A 258 8.66 16.60 1.85
N SER A 259 7.63 16.99 2.59
CA SER A 259 7.58 16.79 4.02
C SER A 259 6.98 15.44 4.27
N ASP A 260 7.79 14.51 4.76
CA ASP A 260 7.32 13.16 5.00
C ASP A 260 6.77 13.15 6.41
N GLU A 261 5.44 13.33 6.49
CA GLU A 261 4.75 13.47 7.77
C GLU A 261 3.98 12.21 8.13
N VAL A 262 4.42 11.05 7.66
CA VAL A 262 3.68 9.84 8.02
C VAL A 262 3.61 9.67 9.53
N ILE A 263 4.69 9.93 10.24
CA ILE A 263 4.62 9.94 11.70
C ILE A 263 4.15 11.28 12.27
N CYS A 264 4.67 12.39 11.74
CA CYS A 264 4.52 13.65 12.42
C CYS A 264 3.17 14.35 12.26
N ALA A 265 2.40 14.09 11.21
CA ALA A 265 1.10 14.70 11.03
C ALA A 265 0.04 14.14 11.99
N PHE A 266 -1.10 14.85 12.02
CA PHE A 266 -2.28 14.46 12.79
C PHE A 266 -1.93 14.51 14.30
N GLY A 267 -1.39 15.66 14.73
CA GLY A 267 -1.31 16.02 16.12
C GLY A 267 -0.10 15.53 16.87
N ARG A 268 0.77 14.70 16.25
CA ARG A 268 1.91 14.15 16.98
C ARG A 268 2.78 15.28 17.55
N LEU A 269 2.83 16.41 16.86
CA LEU A 269 3.58 17.60 17.23
C LEU A 269 2.66 18.74 17.63
N GLY A 270 1.35 18.49 17.73
CA GLY A 270 0.42 19.53 18.18
C GLY A 270 -0.20 20.36 17.08
N THR A 271 0.03 19.97 15.80
CA THR A 271 -0.59 20.60 14.66
C THR A 271 -1.10 19.50 13.70
N THR A 272 -2.00 19.88 12.78
CA THR A 272 -2.55 18.91 11.83
C THR A 272 -1.45 18.45 10.87
N PHE A 273 -0.71 19.42 10.34
CA PHE A 273 0.46 19.15 9.53
C PHE A 273 1.67 19.73 10.27
N ALA A 274 2.66 18.88 10.44
CA ALA A 274 3.80 19.18 11.27
C ALA A 274 4.71 20.22 10.65
N CYS A 275 4.71 20.39 9.32
CA CYS A 275 5.48 21.47 8.73
C CYS A 275 5.04 22.82 9.33
N ASP A 276 3.75 22.93 9.75
CA ASP A 276 3.30 24.17 10.36
C ASP A 276 3.92 24.37 11.73
N LYS A 277 4.27 23.31 12.47
CA LYS A 277 4.93 23.45 13.77
C LYS A 277 6.30 24.13 13.60
N PHE A 278 6.96 23.95 12.45
CA PHE A 278 8.29 24.47 12.23
C PHE A 278 8.31 25.63 11.25
N GLY A 279 7.15 26.02 10.73
CA GLY A 279 6.98 27.20 9.91
C GLY A 279 7.55 27.14 8.50
N TYR A 280 7.52 25.98 7.84
CA TYR A 280 7.90 25.90 6.45
C TYR A 280 6.74 25.34 5.62
N VAL A 281 6.74 25.76 4.36
CA VAL A 281 5.74 25.29 3.43
C VAL A 281 6.40 24.38 2.41
N PRO A 282 6.13 23.04 2.44
CA PRO A 282 6.67 22.17 1.41
C PRO A 282 5.86 22.19 0.14
N ASP A 283 6.36 21.52 -0.90
CA ASP A 283 5.65 21.37 -2.14
C ASP A 283 4.66 20.20 -2.12
N MET A 284 4.98 19.16 -1.31
CA MET A 284 4.09 18.02 -1.09
C MET A 284 4.27 17.58 0.36
N ILE A 285 3.19 16.95 0.87
CA ILE A 285 3.17 16.29 2.15
C ILE A 285 2.78 14.84 1.94
N THR A 286 3.55 13.91 2.51
CA THR A 286 3.12 12.51 2.57
C THR A 286 2.62 12.22 3.99
N CYS A 287 1.52 11.48 4.12
CA CYS A 287 0.92 11.22 5.43
C CYS A 287 0.13 9.90 5.36
N ALA A 288 -0.08 9.31 6.52
CA ALA A 288 -0.82 8.06 6.66
C ALA A 288 -1.11 7.87 8.15
N GLY A 290 -1.70 8.21 11.55
CA GLY A 290 -2.68 8.82 12.44
C GLY A 290 -3.88 9.52 11.80
N MET A 291 -3.99 9.53 10.46
CA MET A 291 -5.12 10.14 9.79
C MET A 291 -6.46 9.59 10.31
N THR A 292 -6.49 8.29 10.66
CA THR A 292 -7.66 7.59 11.18
C THR A 292 -7.43 7.11 12.63
N SER A 293 -6.37 7.60 13.27
CA SER A 293 -5.88 6.98 14.49
C SER A 293 -5.65 5.48 14.27
N GLY A 294 -5.40 5.12 13.00
CA GLY A 294 -5.18 3.72 12.69
C GLY A 294 -6.44 2.88 12.54
N TYR A 295 -7.66 3.44 12.68
CA TYR A 295 -8.85 2.61 12.75
C TYR A 295 -9.21 2.02 11.38
N SER A 296 -8.72 2.61 10.26
CA SER A 296 -8.93 2.00 8.95
C SER A 296 -7.82 2.46 8.03
N PRO A 297 -7.18 1.60 7.23
CA PRO A 297 -6.02 2.06 6.45
C PRO A 297 -6.37 3.13 5.42
N ILE A 298 -5.55 4.22 5.44
CA ILE A 298 -5.62 5.30 4.45
C ILE A 298 -4.40 6.19 4.65
N GLY A 299 -3.94 6.80 3.56
CA GLY A 299 -2.87 7.77 3.57
C GLY A 299 -3.08 8.72 2.39
N ALA A 300 -2.15 9.65 2.21
CA ALA A 300 -2.24 10.58 1.10
C ALA A 300 -0.90 11.25 0.80
N CYS A 301 -0.80 11.64 -0.49
CA CYS A 301 0.17 12.61 -0.93
C CYS A 301 -0.63 13.88 -1.23
N ILE A 302 -0.32 14.96 -0.50
CA ILE A 302 -1.01 16.23 -0.66
C ILE A 302 -0.08 17.15 -1.45
N ILE A 303 -0.62 17.81 -2.49
CA ILE A 303 0.21 18.33 -3.56
C ILE A 303 -0.17 19.78 -3.85
N SER A 304 0.87 20.61 -4.01
CA SER A 304 0.73 21.99 -4.47
CA SER A 304 0.73 21.98 -4.46
C SER A 304 -0.04 22.09 -5.78
N ASP A 305 -0.94 23.07 -5.87
CA ASP A 305 -1.66 23.33 -7.09
C ASP A 305 -0.70 23.63 -8.24
N ARG A 306 0.44 24.30 -7.94
CA ARG A 306 1.44 24.62 -8.97
CA ARG A 306 1.41 24.62 -8.99
C ARG A 306 1.92 23.33 -9.64
N LEU A 307 2.14 22.29 -8.84
CA LEU A 307 2.55 21.01 -9.42
C LEU A 307 1.45 20.34 -10.21
N ALA A 308 0.21 20.42 -9.73
CA ALA A 308 -0.88 19.76 -10.41
C ALA A 308 -1.21 20.38 -11.76
N GLU A 309 -0.94 21.67 -11.92
CA GLU A 309 -1.42 22.43 -13.07
CA GLU A 309 -1.46 22.40 -13.07
C GLU A 309 -1.18 21.66 -14.38
N PRO A 310 0.08 21.30 -14.73
CA PRO A 310 0.31 20.67 -16.01
C PRO A 310 -0.41 19.34 -16.23
N PHE A 311 -0.68 18.65 -15.15
CA PHE A 311 -1.32 17.36 -15.27
C PHE A 311 -2.81 17.52 -15.55
N TYR A 312 -3.38 18.68 -15.25
CA TYR A 312 -4.79 18.95 -15.44
C TYR A 312 -5.08 19.64 -16.76
N GLN A 313 -4.11 19.68 -17.69
CA GLN A 313 -4.35 20.25 -19.01
CA GLN A 313 -4.33 20.26 -19.01
C GLN A 313 -4.51 19.14 -20.03
N GLY A 314 -5.56 19.21 -20.86
CA GLY A 314 -5.64 18.36 -22.03
C GLY A 314 -5.61 16.88 -21.68
N ASP A 315 -4.90 16.13 -22.52
CA ASP A 315 -4.91 14.68 -22.43
C ASP A 315 -3.92 14.17 -21.37
N ASN A 316 -3.30 15.06 -20.62
CA ASN A 316 -2.30 14.61 -19.64
C ASN A 316 -2.96 13.84 -18.50
N THR A 317 -2.25 12.80 -18.02
CA THR A 317 -2.74 11.92 -16.96
CA THR A 317 -2.75 11.98 -16.93
C THR A 317 -1.56 11.49 -16.12
N PHE A 318 -1.73 11.48 -14.80
CA PHE A 318 -0.82 10.78 -13.88
C PHE A 318 -1.31 9.35 -13.81
N LEU A 319 -0.66 8.47 -14.59
CA LEU A 319 -1.09 7.09 -14.69
C LEU A 319 -0.56 6.31 -13.49
N HIS A 320 -1.21 6.53 -12.38
CA HIS A 320 -0.80 6.04 -11.07
C HIS A 320 -2.06 5.91 -10.23
N GLY A 321 -1.99 5.01 -9.25
CA GLY A 321 -3.16 4.72 -8.44
C GLY A 321 -2.97 3.46 -7.60
N TYR A 322 -3.94 3.27 -6.73
CA TYR A 322 -4.00 2.16 -5.79
C TYR A 322 -5.48 1.80 -5.65
N THR A 323 -5.82 0.53 -5.78
CA THR A 323 -7.20 0.08 -5.67
C THR A 323 -7.89 0.69 -4.46
N PHE A 324 -7.25 0.55 -3.30
CA PHE A 324 -7.87 0.87 -2.03
C PHE A 324 -7.56 2.30 -1.58
N GLY A 325 -6.89 3.11 -2.38
CA GLY A 325 -6.63 4.48 -1.90
C GLY A 325 -7.94 5.28 -1.83
N GLY A 326 -8.15 6.00 -0.73
CA GLY A 326 -9.34 6.83 -0.63
C GLY A 326 -10.61 6.02 -0.32
N HIS A 327 -10.41 4.82 0.25
CA HIS A 327 -11.47 3.87 0.51
C HIS A 327 -12.63 4.54 1.24
N PRO A 328 -13.89 4.24 0.89
CA PRO A 328 -15.05 4.86 1.54
C PRO A 328 -15.09 4.73 3.06
N VAL A 329 -14.82 3.53 3.53
CA VAL A 329 -14.88 3.31 4.97
C VAL A 329 -13.73 4.05 5.63
N SER A 330 -12.52 3.90 5.10
CA SER A 330 -11.39 4.64 5.67
C SER A 330 -11.61 6.14 5.67
N SER A 331 -12.19 6.64 4.59
CA SER A 331 -12.45 8.07 4.51
C SER A 331 -13.45 8.51 5.58
N ALA A 332 -14.53 7.76 5.75
CA ALA A 332 -15.52 8.05 6.78
C ALA A 332 -14.87 8.04 8.17
N VAL A 333 -14.05 7.05 8.42
CA VAL A 333 -13.38 6.91 9.70
C VAL A 333 -12.39 8.07 9.90
N ALA A 334 -11.66 8.46 8.86
CA ALA A 334 -10.75 9.61 8.99
C ALA A 334 -11.53 10.85 9.38
N LEU A 335 -12.66 11.11 8.71
CA LEU A 335 -13.46 12.29 9.04
C LEU A 335 -13.93 12.24 10.49
N ALA A 336 -14.41 11.08 10.96
CA ALA A 336 -14.85 10.93 12.34
C ALA A 336 -13.69 11.14 13.30
N ASN A 337 -12.48 10.67 12.91
CA ASN A 337 -11.29 10.86 13.74
C ASN A 337 -10.97 12.35 13.85
N LEU A 338 -11.02 13.06 12.73
CA LEU A 338 -10.74 14.49 12.78
C LEU A 338 -11.81 15.19 13.59
N ASP A 339 -13.04 14.70 13.57
CA ASP A 339 -14.07 15.26 14.44
C ASP A 339 -13.68 15.11 15.91
N ILE A 340 -13.16 13.94 16.32
CA ILE A 340 -12.67 13.76 17.67
C ILE A 340 -11.59 14.79 17.97
N PHE A 341 -10.65 14.96 17.04
CA PHE A 341 -9.59 15.93 17.24
C PHE A 341 -10.18 17.30 17.56
N ASP A 342 -11.15 17.70 16.75
CA ASP A 342 -11.72 19.04 16.92
C ASP A 342 -12.50 19.15 18.22
N ARG A 343 -13.31 18.14 18.53
CA ARG A 343 -14.19 18.20 19.69
CA ARG A 343 -14.20 18.19 19.69
C ARG A 343 -13.38 18.17 20.97
N GLU A 344 -12.35 17.32 21.02
CA GLU A 344 -11.56 17.16 22.24
C GLU A 344 -10.35 18.10 22.28
N GLY A 345 -10.09 18.87 21.21
CA GLY A 345 -8.96 19.79 21.13
C GLY A 345 -7.62 19.06 21.34
N LEU A 346 -7.45 17.97 20.63
CA LEU A 346 -6.25 17.16 20.84
C LEU A 346 -4.97 17.88 20.40
N ASN A 347 -5.03 18.69 19.32
CA ASN A 347 -3.79 19.34 18.88
C ASN A 347 -3.35 20.33 19.96
N GLN A 348 -4.30 21.11 20.48
CA GLN A 348 -3.96 22.07 21.53
C GLN A 348 -3.51 21.37 22.82
N HIS A 349 -4.12 20.23 23.12
CA HIS A 349 -3.74 19.44 24.27
C HIS A 349 -2.25 19.07 24.17
N VAL A 350 -1.81 18.64 22.98
CA VAL A 350 -0.41 18.30 22.80
C VAL A 350 0.48 19.52 22.98
N LEU A 351 0.12 20.67 22.39
CA LEU A 351 0.92 21.87 22.60
C LEU A 351 0.98 22.24 24.08
N ASP A 352 -0.11 22.04 24.83
CA ASP A 352 -0.18 22.50 26.20
C ASP A 352 0.58 21.57 27.11
N ASN A 353 0.83 20.33 26.66
CA ASN A 353 1.47 19.34 27.52
C ASN A 353 2.85 18.89 27.03
N GLU A 354 3.36 19.37 25.88
CA GLU A 354 4.64 18.89 25.36
C GLU A 354 5.75 19.27 26.34
N GLY A 355 5.63 20.44 26.97
CA GLY A 355 6.66 20.90 27.88
C GLY A 355 6.81 19.97 29.08
N THR A 356 5.68 19.65 29.72
CA THR A 356 5.72 18.78 30.88
C THR A 356 6.08 17.36 30.51
N PHE A 357 5.67 16.86 29.34
CA PHE A 357 6.07 15.52 28.93
C PHE A 357 7.60 15.45 28.82
N PHE A 358 8.17 16.42 28.09
CA PHE A 358 9.61 16.49 27.92
CA PHE A 358 9.61 16.49 27.92
C PHE A 358 10.29 16.56 29.29
N ALA A 359 9.84 17.49 30.16
CA ALA A 359 10.47 17.63 31.48
C ALA A 359 10.38 16.36 32.30
N THR A 360 9.25 15.64 32.17
CA THR A 360 9.07 14.43 32.96
C THR A 360 10.12 13.39 32.51
N LEU A 361 10.29 13.19 31.20
CA LEU A 361 11.30 12.29 30.67
C LEU A 361 12.72 12.73 31.02
N GLN A 362 12.93 14.04 30.99
CA GLN A 362 14.27 14.57 31.21
C GLN A 362 14.73 14.25 32.64
N LYS A 363 13.81 13.96 33.55
CA LYS A 363 14.24 13.56 34.89
C LYS A 363 15.17 12.34 34.84
N LEU A 364 15.04 11.51 33.81
CA LEU A 364 15.85 10.30 33.67
C LEU A 364 17.32 10.60 33.39
N HIS A 365 17.65 11.87 33.13
CA HIS A 365 19.03 12.24 32.83
C HIS A 365 19.95 11.98 34.00
N ASP A 366 19.43 11.84 35.23
CA ASP A 366 20.31 11.56 36.36
C ASP A 366 20.79 10.11 36.40
N LEU A 367 20.30 9.25 35.52
CA LEU A 367 20.74 7.87 35.47
C LEU A 367 21.99 7.77 34.61
N PRO A 368 22.97 6.95 35.00
CA PRO A 368 24.22 6.88 34.25
C PRO A 368 24.13 6.33 32.84
N ILE A 369 23.07 5.54 32.55
CA ILE A 369 22.88 5.00 31.21
C ILE A 369 22.25 6.01 30.26
N VAL A 370 21.69 7.10 30.77
CA VAL A 370 20.95 8.03 29.92
C VAL A 370 21.89 9.14 29.44
N GLY A 371 22.12 9.13 28.11
CA GLY A 371 22.97 10.11 27.46
C GLY A 371 22.25 11.35 26.98
N ASP A 372 20.99 11.20 26.51
CA ASP A 372 20.30 12.33 25.90
C ASP A 372 18.80 12.04 25.92
N VAL A 373 18.03 13.09 26.16
CA VAL A 373 16.58 13.04 26.06
C VAL A 373 16.18 14.17 25.12
N ARG A 374 15.47 13.86 24.05
CA ARG A 374 15.22 14.84 23.00
C ARG A 374 13.86 14.55 22.34
N GLY A 375 13.31 15.59 21.71
CA GLY A 375 12.09 15.40 20.95
C GLY A 375 11.29 16.69 20.84
N ASN A 376 10.00 16.51 20.59
CA ASN A 376 9.10 17.62 20.32
C ASN A 376 7.68 17.10 20.45
N GLY A 377 6.74 17.92 20.89
CA GLY A 377 5.33 17.50 20.92
C GLY A 377 5.16 16.29 21.83
N PHE A 378 4.53 15.22 21.30
CA PHE A 378 4.41 13.94 21.99
C PHE A 378 5.29 12.90 21.30
N PHE A 379 6.55 13.26 21.01
CA PHE A 379 7.47 12.38 20.33
C PHE A 379 8.87 12.58 20.88
N TYR A 380 9.39 11.54 21.57
CA TYR A 380 10.67 11.69 22.27
C TYR A 380 11.52 10.44 22.05
N GLY A 381 12.84 10.67 22.14
CA GLY A 381 13.82 9.61 22.21
C GLY A 381 14.72 9.76 23.43
N ILE A 382 15.05 8.61 24.02
CA ILE A 382 15.95 8.54 25.16
C ILE A 382 17.13 7.68 24.72
N GLU A 383 18.29 8.33 24.54
CA GLU A 383 19.46 7.65 24.02
C GLU A 383 20.29 7.13 25.18
N LEU A 384 20.57 5.82 25.09
CA LEU A 384 21.34 5.11 26.12
C LEU A 384 22.79 5.05 25.67
N VAL A 385 23.69 5.13 26.65
CA VAL A 385 25.13 5.13 26.40
C VAL A 385 25.81 4.32 27.48
N LYS A 386 27.04 3.89 27.17
CA LYS A 386 27.89 3.21 28.15
C LYS A 386 28.62 4.20 29.04
N ASP A 387 28.77 5.47 28.63
CA ASP A 387 29.40 6.52 29.39
C ASP A 387 28.97 7.89 28.89
N LYS A 388 28.43 8.71 29.76
CA LYS A 388 27.85 9.98 29.36
C LYS A 388 28.91 10.99 28.92
N ALA A 389 30.08 10.95 29.57
CA ALA A 389 31.11 11.94 29.28
C ALA A 389 31.66 11.76 27.87
N THR A 390 31.81 10.51 27.43
CA THR A 390 32.39 10.21 26.12
C THR A 390 31.32 9.82 25.09
N LYS A 391 30.07 9.70 25.52
CA LYS A 391 28.99 9.22 24.65
C LYS A 391 29.30 7.85 24.04
N GLU A 392 30.00 6.99 24.81
CA GLU A 392 30.40 5.68 24.32
C GLU A 392 29.20 4.80 23.99
N THR A 393 29.30 4.13 22.83
CA THR A 393 28.23 3.27 22.38
CA THR A 393 28.27 3.25 22.31
C THR A 393 28.48 1.83 22.82
N PHE A 394 27.50 0.97 22.53
CA PHE A 394 27.51 -0.42 22.96
C PHE A 394 28.20 -1.29 21.93
N THR A 395 28.80 -2.39 22.41
CA THR A 395 29.36 -3.39 21.53
C THR A 395 28.24 -4.17 20.88
N GLU A 396 28.59 -4.98 19.88
CA GLU A 396 27.61 -5.84 19.23
C GLU A 396 27.03 -6.81 20.27
N GLU A 397 27.90 -7.36 21.12
CA GLU A 397 27.45 -8.33 22.13
C GLU A 397 26.51 -7.64 23.13
N GLU A 398 26.86 -6.43 23.57
CA GLU A 398 26.02 -5.69 24.49
C GLU A 398 24.68 -5.35 23.84
N THR A 399 24.72 -5.01 22.55
CA THR A 399 23.48 -4.68 21.84
C THR A 399 22.54 -5.89 21.86
N GLU A 400 23.06 -7.09 21.60
CA GLU A 400 22.25 -8.31 21.60
C GLU A 400 21.75 -8.62 23.01
N ARG A 401 22.66 -8.69 23.99
CA ARG A 401 22.30 -9.16 25.30
C ARG A 401 21.49 -8.13 26.09
N VAL A 402 21.90 -6.86 26.06
CA VAL A 402 21.37 -5.86 26.96
C VAL A 402 20.22 -5.11 26.31
N LEU A 403 20.31 -4.81 25.00
CA LEU A 403 19.26 -4.04 24.34
C LEU A 403 18.18 -4.96 23.76
N TYR A 404 18.54 -5.79 22.76
CA TYR A 404 17.58 -6.69 22.16
C TYR A 404 16.98 -7.62 23.20
N GLY A 405 17.85 -8.17 24.07
CA GLY A 405 17.39 -9.11 25.08
C GLY A 405 16.82 -8.41 26.29
N PHE A 406 17.70 -7.96 27.21
CA PHE A 406 17.24 -7.56 28.52
C PHE A 406 16.27 -6.38 28.45
N LEU A 407 16.68 -5.30 27.76
CA LEU A 407 15.93 -4.04 27.83
C LEU A 407 14.52 -4.22 27.25
N SER A 408 14.45 -4.76 26.06
CA SER A 408 13.17 -4.86 25.37
C SER A 408 12.21 -5.77 26.17
N LYS A 409 12.73 -6.86 26.74
CA LYS A 409 11.90 -7.74 27.54
C LYS A 409 11.44 -7.01 28.80
N ALA A 410 12.37 -6.32 29.46
CA ALA A 410 12.08 -5.68 30.73
C ALA A 410 11.03 -4.57 30.58
N LEU A 411 11.11 -3.76 29.50
CA LEU A 411 10.18 -2.66 29.36
C LEU A 411 8.77 -3.27 29.24
N PHE A 412 8.61 -4.25 28.36
CA PHE A 412 7.30 -4.86 28.16
C PHE A 412 6.82 -5.52 29.45
N ASP A 413 7.68 -6.32 30.09
CA ASP A 413 7.27 -7.06 31.27
C ASP A 413 6.90 -6.16 32.44
N ASN A 414 7.47 -4.95 32.49
CA ASN A 414 7.18 -3.99 33.52
C ASN A 414 6.04 -3.04 33.11
N GLY A 415 5.35 -3.32 31.99
CA GLY A 415 4.10 -2.64 31.68
C GLY A 415 4.21 -1.53 30.64
N LEU A 416 5.33 -1.45 29.89
CA LEU A 416 5.46 -0.39 28.90
C LEU A 416 5.78 -1.01 27.55
N TYR A 417 4.84 -0.85 26.61
CA TYR A 417 5.09 -1.18 25.22
C TYR A 417 5.74 -0.01 24.53
N CYS A 418 6.96 -0.20 23.99
CA CYS A 418 7.64 0.88 23.27
C CYS A 418 8.72 0.28 22.35
N ARG A 419 8.66 -1.01 22.03
CA ARG A 419 9.68 -1.68 21.21
C ARG A 419 9.03 -2.56 20.16
N ALA A 420 9.32 -2.31 18.87
CA ALA A 420 8.76 -3.17 17.82
C ALA A 420 9.87 -3.61 16.86
N ASP A 421 10.08 -2.85 15.79
CA ASP A 421 11.22 -3.06 14.90
C ASP A 421 12.56 -2.68 15.53
N ASP A 422 12.55 -1.91 16.64
CA ASP A 422 13.74 -1.27 17.18
C ASP A 422 14.20 -1.91 18.49
N ARG A 423 13.91 -3.20 18.67
CA ARG A 423 14.26 -3.88 19.90
C ARG A 423 15.76 -3.84 20.21
N GLY A 424 16.60 -3.80 19.17
CA GLY A 424 18.06 -3.78 19.35
C GLY A 424 18.65 -2.37 19.35
N ASP A 425 17.80 -1.33 19.31
CA ASP A 425 18.29 0.02 19.13
C ASP A 425 18.64 0.68 20.48
N PRO A 426 19.72 1.49 20.57
CA PRO A 426 20.10 2.14 21.83
C PRO A 426 19.29 3.38 22.17
N VAL A 427 18.31 3.71 21.33
CA VAL A 427 17.41 4.81 21.67
C VAL A 427 16.04 4.20 21.94
N ILE A 428 15.44 4.58 23.05
CA ILE A 428 14.06 4.23 23.35
C ILE A 428 13.19 5.36 22.83
N GLN A 429 12.23 5.04 21.97
CA GLN A 429 11.33 6.10 21.49
C GLN A 429 9.95 5.95 22.10
N LEU A 430 9.29 7.11 22.25
CA LEU A 430 7.96 7.20 22.83
C LEU A 430 7.11 8.13 21.97
N ALA A 431 5.88 7.71 21.76
CA ALA A 431 4.89 8.41 20.96
C ALA A 431 3.51 7.95 21.36
N PRO A 432 3.10 8.16 22.62
CA PRO A 432 1.85 7.59 23.11
C PRO A 432 0.64 8.27 22.50
N PRO A 433 -0.58 7.75 22.71
CA PRO A 433 -1.76 8.44 22.21
C PRO A 433 -1.84 9.88 22.70
N LEU A 434 -2.47 10.72 21.88
CA LEU A 434 -2.51 12.14 22.17
C LEU A 434 -3.41 12.46 23.36
N ILE A 435 -4.26 11.53 23.79
CA ILE A 435 -5.05 11.71 25.01
C ILE A 435 -4.20 11.50 26.27
N SER A 436 -2.93 11.15 26.11
CA SER A 436 -2.04 10.99 27.27
C SER A 436 -1.96 12.28 28.07
N ASP A 437 -1.81 12.15 29.40
CA ASP A 437 -1.75 13.31 30.28
C ASP A 437 -0.61 13.08 31.27
N GLN A 438 -0.54 13.93 32.32
CA GLN A 438 0.57 13.86 33.25
C GLN A 438 0.65 12.48 33.86
N SER A 439 -0.50 11.86 34.19
CA SER A 439 -0.48 10.54 34.75
C SER A 439 0.22 9.58 33.81
N THR A 440 -0.05 9.71 32.50
CA THR A 440 0.63 8.85 31.55
C THR A 440 2.15 9.07 31.60
N PHE A 441 2.56 10.34 31.59
CA PHE A 441 3.98 10.67 31.54
C PHE A 441 4.69 10.14 32.78
N ASP A 442 4.01 10.21 33.93
CA ASP A 442 4.57 9.72 35.19
C ASP A 442 4.72 8.22 35.17
N GLU A 443 3.72 7.53 34.60
CA GLU A 443 3.76 6.09 34.57
C GLU A 443 4.91 5.63 33.69
N ILE A 444 5.08 6.31 32.54
CA ILE A 444 6.21 6.03 31.63
C ILE A 444 7.56 6.23 32.33
N GLU A 445 7.75 7.37 32.99
CA GLU A 445 9.02 7.71 33.61
C GLU A 445 9.36 6.71 34.72
N GLY A 446 8.32 6.29 35.47
CA GLY A 446 8.53 5.39 36.58
C GLY A 446 9.02 4.01 36.11
N ILE A 447 8.43 3.46 35.05
CA ILE A 447 8.86 2.20 34.49
C ILE A 447 10.26 2.33 33.89
N LEU A 448 10.48 3.40 33.12
CA LEU A 448 11.80 3.60 32.52
C LEU A 448 12.87 3.69 33.63
N ARG A 449 12.59 4.40 34.71
CA ARG A 449 13.60 4.53 35.78
C ARG A 449 13.98 3.16 36.32
N THR A 450 12.96 2.35 36.63
CA THR A 450 13.19 1.01 37.16
C THR A 450 14.04 0.19 36.18
N VAL A 451 13.61 0.14 34.93
CA VAL A 451 14.23 -0.73 33.96
C VAL A 451 15.64 -0.25 33.61
N LEU A 452 15.82 1.08 33.46
CA LEU A 452 17.12 1.59 33.03
C LEU A 452 18.15 1.45 34.16
N THR A 453 17.67 1.52 35.41
CA THR A 453 18.53 1.24 36.56
C THR A 453 19.05 -0.20 36.49
N GLU A 454 18.14 -1.14 36.23
CA GLU A 454 18.54 -2.54 36.11
C GLU A 454 19.43 -2.76 34.90
N ALA A 455 19.14 -2.09 33.78
CA ALA A 455 19.97 -2.27 32.60
C ALA A 455 21.44 -1.92 32.87
N TRP A 456 21.65 -0.88 33.65
CA TRP A 456 23.01 -0.44 33.95
C TRP A 456 23.77 -1.55 34.66
N THR A 457 23.07 -2.31 35.51
CA THR A 457 23.72 -3.41 36.23
C THR A 457 24.16 -4.54 35.28
N LYS A 458 23.58 -4.65 34.08
CA LYS A 458 23.94 -5.69 33.12
C LYS A 458 25.18 -5.33 32.30
N LEU A 459 25.70 -4.11 32.46
CA LEU A 459 26.85 -3.66 31.68
C LEU A 459 28.13 -3.75 32.50
N HIS A 460 29.18 -4.34 31.91
CA HIS A 460 30.51 -4.35 32.52
C HIS A 460 31.26 -3.06 32.21
N HIS A 461 31.37 -2.17 33.22
CA HIS A 461 31.89 -0.81 33.05
C HIS A 461 33.41 -0.81 33.18
N LYS B 9 -26.74 18.24 -3.08
CA LYS B 9 -25.90 19.28 -3.73
C LYS B 9 -24.71 18.61 -4.42
N ASP B 10 -24.31 19.18 -5.58
CA ASP B 10 -23.35 18.57 -6.47
C ASP B 10 -21.92 18.73 -5.94
N LEU B 11 -21.22 17.59 -5.86
CA LEU B 11 -19.88 17.47 -5.30
C LEU B 11 -18.80 17.65 -6.37
N SER B 12 -19.20 17.93 -7.63
CA SER B 12 -18.30 17.87 -8.75
C SER B 12 -17.20 18.92 -8.65
N ARG B 13 -17.52 20.12 -8.15
CA ARG B 13 -16.50 21.14 -8.06
CA ARG B 13 -16.54 21.18 -8.01
C ARG B 13 -15.54 20.80 -6.93
N THR B 14 -16.06 20.32 -5.78
CA THR B 14 -15.19 19.97 -4.68
C THR B 14 -14.24 18.86 -5.13
N ALA B 15 -14.77 17.91 -5.88
CA ALA B 15 -13.95 16.79 -6.35
C ALA B 15 -12.88 17.27 -7.32
N TYR B 16 -13.27 18.09 -8.32
CA TYR B 16 -12.28 18.56 -9.27
C TYR B 16 -11.21 19.38 -8.55
N ASP B 17 -11.62 20.17 -7.53
CA ASP B 17 -10.68 21.06 -6.87
C ASP B 17 -9.73 20.30 -5.97
N HIS B 18 -10.13 19.14 -5.41
CA HIS B 18 -9.30 18.56 -4.38
C HIS B 18 -9.02 17.06 -4.55
N LEU B 19 -9.87 16.31 -5.21
CA LEU B 19 -9.70 14.86 -5.25
C LEU B 19 -8.93 14.50 -6.50
N TRP B 20 -7.63 14.18 -6.39
CA TRP B 20 -6.89 13.76 -7.56
C TRP B 20 -7.18 12.29 -7.80
N MET B 21 -8.08 12.03 -8.72
CA MET B 21 -8.54 10.68 -8.97
C MET B 21 -7.44 9.86 -9.64
N HIS B 22 -7.46 8.53 -9.42
CA HIS B 22 -6.45 7.62 -9.89
C HIS B 22 -6.68 7.26 -11.35
N PHE B 23 -5.61 7.17 -12.14
CA PHE B 23 -5.72 6.79 -13.55
C PHE B 23 -6.82 7.57 -14.27
N THR B 24 -6.82 8.87 -14.07
CA THR B 24 -7.88 9.76 -14.58
C THR B 24 -7.26 10.93 -15.34
N ARG B 25 -7.88 11.26 -16.49
CA ARG B 25 -7.61 12.51 -17.17
C ARG B 25 -8.44 13.59 -16.50
N MET B 26 -7.83 14.36 -15.63
CA MET B 26 -8.53 15.26 -14.74
C MET B 26 -9.20 16.40 -15.55
N SER B 27 -8.69 16.76 -16.73
CA SER B 27 -9.35 17.82 -17.50
C SER B 27 -10.74 17.41 -17.95
N SER B 28 -11.02 16.08 -17.98
CA SER B 28 -12.35 15.60 -18.35
CA SER B 28 -12.35 15.61 -18.37
C SER B 28 -13.43 16.18 -17.44
N TYR B 29 -13.06 16.61 -16.23
CA TYR B 29 -13.99 17.10 -15.21
C TYR B 29 -13.88 18.61 -14.98
N GLU B 30 -13.18 19.30 -15.88
CA GLU B 30 -13.06 20.75 -15.76
CA GLU B 30 -13.06 20.74 -15.73
C GLU B 30 -14.41 21.39 -16.08
N SER B 31 -15.10 20.86 -17.11
CA SER B 31 -16.37 21.38 -17.62
C SER B 31 -17.43 20.26 -17.73
N ALA B 32 -17.34 19.26 -16.83
CA ALA B 32 -18.34 18.20 -16.79
C ALA B 32 -18.39 17.64 -15.38
N PRO B 33 -19.57 17.14 -14.94
CA PRO B 33 -19.70 16.57 -13.60
C PRO B 33 -18.86 15.31 -13.41
N VAL B 34 -18.41 15.14 -12.18
CA VAL B 34 -17.70 13.93 -11.79
C VAL B 34 -18.75 12.91 -11.42
N PRO B 35 -18.76 11.71 -12.00
CA PRO B 35 -19.75 10.71 -11.61
C PRO B 35 -19.43 10.29 -10.19
N THR B 36 -20.44 10.40 -9.30
CA THR B 36 -20.24 10.25 -7.86
C THR B 36 -21.14 9.11 -7.37
N ILE B 37 -20.51 8.03 -6.92
CA ILE B 37 -21.24 6.87 -6.45
C ILE B 37 -21.39 6.97 -4.94
N VAL B 38 -22.61 6.74 -4.42
CA VAL B 38 -22.92 7.04 -3.03
C VAL B 38 -23.37 5.80 -2.23
N ARG B 39 -23.90 4.76 -2.89
CA ARG B 39 -24.52 3.65 -2.20
CA ARG B 39 -24.53 3.66 -2.20
C ARG B 39 -24.44 2.44 -3.11
N GLY B 40 -24.41 1.26 -2.52
CA GLY B 40 -24.48 0.02 -3.29
C GLY B 40 -25.41 -0.95 -2.57
N GLU B 41 -26.06 -1.82 -3.34
CA GLU B 41 -26.85 -2.90 -2.79
CA GLU B 41 -26.94 -2.86 -2.85
C GLU B 41 -26.76 -4.07 -3.75
N GLY B 42 -26.20 -5.18 -3.26
CA GLY B 42 -26.05 -6.37 -4.09
C GLY B 42 -25.14 -6.08 -5.27
N THR B 43 -25.65 -6.28 -6.50
CA THR B 43 -24.91 -6.08 -7.73
C THR B 43 -25.03 -4.67 -8.27
N TYR B 44 -25.74 -3.73 -7.58
CA TYR B 44 -26.02 -2.42 -8.10
C TYR B 44 -25.35 -1.36 -7.23
N ILE B 45 -25.07 -0.23 -7.90
CA ILE B 45 -24.62 0.99 -7.26
C ILE B 45 -25.52 2.13 -7.66
N PHE B 46 -25.55 3.17 -6.84
CA PHE B 46 -26.36 4.35 -7.10
C PHE B 46 -25.50 5.60 -7.05
N ASP B 47 -25.79 6.53 -7.96
CA ASP B 47 -25.13 7.83 -7.95
C ASP B 47 -25.90 8.81 -7.06
N ASP B 48 -25.34 10.01 -6.95
CA ASP B 48 -25.91 11.02 -6.08
C ASP B 48 -27.16 11.65 -6.65
N GLN B 49 -27.56 11.27 -7.86
CA GLN B 49 -28.85 11.66 -8.43
C GLN B 49 -29.89 10.54 -8.32
N GLY B 50 -29.55 9.42 -7.69
CA GLY B 50 -30.48 8.32 -7.50
C GLY B 50 -30.56 7.37 -8.69
N ARG B 51 -29.68 7.55 -9.68
CA ARG B 51 -29.65 6.61 -10.80
C ARG B 51 -28.95 5.34 -10.34
N ARG B 52 -29.38 4.21 -10.89
CA ARG B 52 -28.88 2.90 -10.53
C ARG B 52 -28.11 2.29 -11.69
N TYR B 53 -26.98 1.64 -11.37
CA TYR B 53 -26.08 1.06 -12.36
C TYR B 53 -25.73 -0.34 -11.91
N LEU B 54 -25.66 -1.26 -12.87
CA LEU B 54 -25.08 -2.56 -12.63
CA LEU B 54 -25.08 -2.56 -12.61
C LEU B 54 -23.57 -2.39 -12.41
N ASP B 55 -23.04 -2.93 -11.31
CA ASP B 55 -21.63 -2.86 -10.98
C ASP B 55 -20.91 -3.95 -11.76
N GLY B 56 -20.65 -3.66 -13.02
CA GLY B 56 -20.11 -4.66 -13.93
C GLY B 56 -18.67 -5.06 -13.68
N LEU B 57 -17.92 -4.33 -12.86
CA LEU B 57 -16.57 -4.66 -12.48
C LEU B 57 -16.45 -4.98 -10.99
N ALA B 58 -17.55 -5.08 -10.28
CA ALA B 58 -17.48 -5.25 -8.85
C ALA B 58 -16.52 -4.20 -8.24
N GLY B 59 -16.75 -2.96 -8.61
CA GLY B 59 -15.95 -1.83 -8.17
C GLY B 59 -14.67 -1.74 -9.00
N LEU B 60 -13.72 -2.64 -8.71
CA LEU B 60 -12.47 -2.71 -9.44
C LEU B 60 -11.94 -4.15 -9.30
N PHE B 61 -12.78 -5.12 -9.70
CA PHE B 61 -12.48 -6.53 -9.52
C PHE B 61 -12.39 -6.90 -8.03
N VAL B 62 -13.28 -6.33 -7.20
CA VAL B 62 -13.13 -6.33 -5.74
C VAL B 62 -14.33 -6.91 -5.00
N VAL B 63 -15.54 -6.44 -5.31
CA VAL B 63 -16.69 -6.57 -4.41
C VAL B 63 -17.38 -7.91 -4.68
N GLN B 64 -16.71 -8.98 -4.25
CA GLN B 64 -17.08 -10.31 -4.65
C GLN B 64 -18.48 -10.66 -4.12
N ALA B 65 -18.74 -10.35 -2.85
CA ALA B 65 -19.97 -10.75 -2.19
C ALA B 65 -21.13 -9.82 -2.46
N GLY B 66 -20.89 -8.69 -3.13
CA GLY B 66 -21.89 -7.66 -3.36
C GLY B 66 -21.83 -6.56 -2.29
N HIS B 67 -22.51 -5.47 -2.58
CA HIS B 67 -22.60 -4.32 -1.70
C HIS B 67 -23.68 -4.50 -0.66
N GLY B 68 -23.55 -3.72 0.42
CA GLY B 68 -24.59 -3.61 1.44
C GLY B 68 -24.63 -4.79 2.39
N ARG B 69 -23.50 -5.49 2.57
CA ARG B 69 -23.44 -6.63 3.47
C ARG B 69 -23.36 -6.19 4.94
N THR B 70 -24.51 -6.24 5.62
CA THR B 70 -24.58 -5.95 7.05
C THR B 70 -23.59 -6.78 7.86
N GLU B 71 -23.39 -8.03 7.46
CA GLU B 71 -22.52 -8.93 8.21
C GLU B 71 -21.09 -8.37 8.25
N LEU B 72 -20.65 -7.82 7.12
CA LEU B 72 -19.29 -7.30 7.02
C LEU B 72 -19.15 -5.95 7.73
N ALA B 73 -20.18 -5.11 7.61
CA ALA B 73 -20.21 -3.83 8.30
C ALA B 73 -20.14 -4.05 9.82
N GLU B 74 -20.92 -5.02 10.33
CA GLU B 74 -20.95 -5.26 11.76
CA GLU B 74 -20.95 -5.29 11.76
C GLU B 74 -19.67 -5.96 12.22
N ALA B 75 -19.05 -6.80 11.37
CA ALA B 75 -17.77 -7.40 11.72
C ALA B 75 -16.74 -6.29 11.93
N ALA B 76 -16.79 -5.25 11.11
CA ALA B 76 -15.82 -4.16 11.23
C ALA B 76 -16.03 -3.42 12.56
N SER B 77 -17.26 -3.05 12.89
CA SER B 77 -17.46 -2.28 14.12
CA SER B 77 -17.50 -2.30 14.11
C SER B 77 -17.14 -3.14 15.33
N LYS B 78 -17.48 -4.43 15.30
CA LYS B 78 -17.22 -5.27 16.46
C LYS B 78 -15.72 -5.32 16.76
N GLN B 79 -14.91 -5.50 15.72
CA GLN B 79 -13.47 -5.53 15.91
C GLN B 79 -12.91 -4.17 16.27
N ALA B 80 -13.35 -3.11 15.64
CA ALA B 80 -12.79 -1.79 15.85
C ALA B 80 -13.03 -1.31 17.27
N GLN B 81 -14.13 -1.75 17.89
CA GLN B 81 -14.42 -1.33 19.26
CA GLN B 81 -14.45 -1.37 19.26
C GLN B 81 -13.46 -1.98 20.23
N ASP B 82 -13.00 -3.19 19.89
CA ASP B 82 -12.14 -4.01 20.75
C ASP B 82 -10.65 -3.67 20.54
N LEU B 83 -10.19 -3.79 19.29
CA LEU B 83 -8.81 -3.44 18.93
C LEU B 83 -8.81 -3.13 17.45
N ALA B 84 -8.78 -1.84 17.10
CA ALA B 84 -8.82 -1.49 15.71
C ALA B 84 -7.43 -1.60 15.09
N PHE B 85 -6.36 -1.28 15.85
CA PHE B 85 -5.02 -1.25 15.29
C PHE B 85 -3.99 -1.61 16.34
N PHE B 86 -3.19 -2.61 15.98
CA PHE B 86 -1.92 -2.88 16.64
C PHE B 86 -1.02 -3.46 15.55
N PRO B 87 0.26 -3.08 15.43
CA PRO B 87 1.10 -3.63 14.35
C PRO B 87 1.49 -5.07 14.55
N ILE B 88 1.58 -5.78 13.41
CA ILE B 88 2.13 -7.14 13.44
C ILE B 88 3.66 -7.12 13.30
N TRP B 89 4.28 -6.22 14.09
CA TRP B 89 5.71 -5.92 14.04
C TRP B 89 6.38 -6.47 15.29
N SER B 90 6.64 -7.79 15.25
CA SER B 90 7.15 -8.60 16.35
C SER B 90 6.07 -8.91 17.41
N TYR B 91 4.82 -8.61 17.05
CA TYR B 91 3.63 -8.87 17.84
C TYR B 91 2.62 -9.48 16.90
N ALA B 92 1.65 -10.22 17.49
CA ALA B 92 0.51 -10.72 16.76
C ALA B 92 -0.77 -10.12 17.35
N HIS B 93 -1.88 -10.20 16.62
CA HIS B 93 -3.22 -10.00 17.15
C HIS B 93 -4.07 -11.13 16.59
N PRO B 94 -5.13 -11.53 17.32
CA PRO B 94 -5.80 -12.79 17.02
C PRO B 94 -6.40 -12.90 15.62
N LYS B 95 -6.99 -11.85 15.08
CA LYS B 95 -7.63 -11.95 13.79
C LYS B 95 -6.58 -12.14 12.67
N ALA B 96 -5.42 -11.49 12.78
CA ALA B 96 -4.37 -11.71 11.79
C ALA B 96 -3.91 -13.16 11.84
N VAL B 97 -3.72 -13.68 13.05
CA VAL B 97 -3.29 -15.06 13.18
C VAL B 97 -4.32 -16.00 12.57
N GLU B 98 -5.60 -15.82 12.92
CA GLU B 98 -6.64 -16.67 12.40
C GLU B 98 -6.73 -16.62 10.87
N LEU B 99 -6.64 -15.39 10.32
CA LEU B 99 -6.68 -15.25 8.87
C LEU B 99 -5.45 -15.83 8.18
N ALA B 100 -4.26 -15.70 8.78
CA ALA B 100 -3.07 -16.29 8.21
C ALA B 100 -3.26 -17.82 8.13
N GLU B 101 -3.79 -18.40 9.23
CA GLU B 101 -3.97 -19.85 9.23
C GLU B 101 -4.96 -20.26 8.13
N ARG B 102 -6.05 -19.51 8.01
CA ARG B 102 -7.10 -19.87 7.07
C ARG B 102 -6.60 -19.76 5.64
N LEU B 103 -5.87 -18.68 5.31
CA LEU B 103 -5.35 -18.51 3.97
C LEU B 103 -4.35 -19.64 3.66
N ALA B 104 -3.48 -19.95 4.61
CA ALA B 104 -2.52 -21.04 4.45
C ALA B 104 -3.24 -22.36 4.18
N HIS B 105 -4.34 -22.61 4.89
CA HIS B 105 -5.07 -23.86 4.71
C HIS B 105 -5.65 -23.95 3.30
N GLU B 106 -6.10 -22.83 2.74
CA GLU B 106 -6.70 -22.78 1.43
C GLU B 106 -5.64 -22.87 0.32
N ALA B 107 -4.41 -22.40 0.61
CA ALA B 107 -3.37 -22.31 -0.40
C ALA B 107 -2.83 -23.71 -0.71
N PRO B 108 -2.37 -23.93 -1.94
CA PRO B 108 -1.84 -25.25 -2.32
C PRO B 108 -0.49 -25.52 -1.70
N GLY B 109 -0.07 -26.79 -1.80
CA GLY B 109 1.29 -27.09 -1.46
C GLY B 109 1.69 -26.69 -0.06
N ASP B 110 2.94 -26.28 0.06
CA ASP B 110 3.52 -25.84 1.31
C ASP B 110 3.43 -24.31 1.46
N LEU B 111 2.50 -23.67 0.78
CA LEU B 111 2.34 -22.21 0.91
C LEU B 111 1.62 -21.92 2.22
N ASN B 112 2.41 -21.87 3.28
CA ASN B 112 1.88 -21.81 4.63
C ASN B 112 2.20 -20.51 5.37
N LYS B 113 3.05 -19.66 4.79
CA LYS B 113 3.50 -18.44 5.45
CA LYS B 113 3.52 -18.43 5.43
C LYS B 113 2.81 -17.24 4.80
N VAL B 114 2.20 -16.40 5.64
CA VAL B 114 1.43 -15.31 5.12
C VAL B 114 2.04 -13.98 5.57
N PHE B 115 2.50 -13.20 4.58
CA PHE B 115 3.06 -11.88 4.84
C PHE B 115 2.03 -10.83 4.40
N PHE B 116 1.34 -10.28 5.39
CA PHE B 116 0.23 -9.36 5.07
C PHE B 116 0.71 -7.99 4.57
N THR B 117 -0.08 -7.45 3.64
CA THR B 117 0.06 -6.10 3.11
C THR B 117 -1.29 -5.39 3.21
N THR B 118 -1.40 -4.18 2.67
N THR B 118 -1.39 -4.17 2.67
CA THR B 118 -2.73 -3.62 2.46
CA THR B 118 -2.67 -3.52 2.47
C THR B 118 -3.17 -3.75 1.01
C THR B 118 -3.15 -3.71 1.04
N GLY B 119 -2.23 -3.72 0.07
CA GLY B 119 -2.58 -3.74 -1.34
C GLY B 119 -1.80 -4.75 -2.17
N GLY B 120 -2.23 -4.87 -3.42
CA GLY B 120 -1.63 -5.79 -4.35
C GLY B 120 -0.21 -5.40 -4.78
N GLY B 121 -0.03 -4.12 -5.11
CA GLY B 121 1.31 -3.68 -5.46
C GLY B 121 2.30 -3.90 -4.32
N GLU B 122 1.85 -3.63 -3.09
CA GLU B 122 2.66 -3.87 -1.90
C GLU B 122 3.02 -5.36 -1.82
N ALA B 123 2.08 -6.24 -2.19
CA ALA B 123 2.33 -7.67 -2.17
C ALA B 123 3.35 -8.08 -3.23
N VAL B 124 3.26 -7.51 -4.42
CA VAL B 124 4.19 -7.77 -5.51
C VAL B 124 5.58 -7.31 -5.11
N GLU B 125 5.69 -6.10 -4.50
CA GLU B 125 6.98 -5.66 -3.95
C GLU B 125 7.56 -6.68 -2.99
N THR B 126 6.70 -7.17 -2.10
CA THR B 126 7.05 -8.17 -1.09
C THR B 126 7.66 -9.39 -1.79
N ALA B 127 6.98 -9.86 -2.82
CA ALA B 127 7.41 -11.13 -3.46
C ALA B 127 8.78 -10.95 -4.11
N TRP B 128 9.00 -9.84 -4.82
CA TRP B 128 10.28 -9.63 -5.48
C TRP B 128 11.39 -9.47 -4.44
N LYS B 129 11.16 -8.63 -3.41
CA LYS B 129 12.16 -8.43 -2.36
C LYS B 129 12.50 -9.77 -1.68
N LEU B 130 11.45 -10.54 -1.34
CA LEU B 130 11.67 -11.82 -0.69
C LEU B 130 12.53 -12.73 -1.58
N ALA B 131 12.22 -12.79 -2.87
CA ALA B 131 13.01 -13.59 -3.81
C ALA B 131 14.48 -13.20 -3.78
N LYS B 132 14.76 -11.90 -3.87
CA LYS B 132 16.14 -11.43 -3.83
C LYS B 132 16.84 -11.89 -2.55
N GLN B 133 16.24 -11.65 -1.38
CA GLN B 133 16.88 -12.02 -0.14
C GLN B 133 17.01 -13.52 -0.03
N TYR B 134 16.00 -14.27 -0.46
CA TYR B 134 16.07 -15.73 -0.40
C TYR B 134 17.35 -16.22 -1.09
N PHE B 135 17.59 -15.74 -2.30
CA PHE B 135 18.74 -16.16 -3.08
C PHE B 135 20.04 -15.68 -2.43
N LYS B 136 20.07 -14.52 -1.78
CA LYS B 136 21.26 -14.14 -1.04
C LYS B 136 21.51 -15.12 0.12
N LEU B 137 20.44 -15.50 0.81
CA LEU B 137 20.58 -16.35 2.00
C LEU B 137 20.95 -17.77 1.62
N THR B 138 20.72 -18.18 0.37
CA THR B 138 20.98 -19.56 -0.05
C THR B 138 22.15 -19.63 -1.05
N GLY B 139 23.00 -18.62 -1.06
CA GLY B 139 24.28 -18.65 -1.75
C GLY B 139 24.21 -18.47 -3.26
N LYS B 140 23.17 -17.76 -3.70
CA LYS B 140 22.96 -17.46 -5.11
C LYS B 140 22.71 -15.98 -5.26
N PRO B 141 23.69 -15.13 -4.84
CA PRO B 141 23.43 -13.70 -4.74
C PRO B 141 23.22 -12.95 -6.03
N THR B 142 23.57 -13.58 -7.17
CA THR B 142 23.34 -12.89 -8.44
C THR B 142 21.90 -13.04 -8.92
N LYS B 143 21.08 -13.86 -8.28
CA LYS B 143 19.70 -14.04 -8.75
C LYS B 143 18.85 -12.85 -8.30
N HIS B 144 18.41 -12.05 -9.27
CA HIS B 144 17.68 -10.84 -8.94
C HIS B 144 16.64 -10.44 -10.00
N LYS B 145 16.74 -10.93 -11.22
CA LYS B 145 15.89 -10.47 -12.31
C LYS B 145 14.52 -11.13 -12.25
N VAL B 146 13.55 -10.50 -12.91
CA VAL B 146 12.20 -11.01 -12.97
CA VAL B 146 12.18 -10.97 -12.97
C VAL B 146 11.72 -11.01 -14.41
N ILE B 147 10.81 -11.95 -14.71
N ILE B 147 10.80 -11.93 -14.71
CA ILE B 147 10.18 -12.07 -16.00
CA ILE B 147 10.18 -12.03 -16.01
C ILE B 147 8.68 -11.88 -15.81
C ILE B 147 8.68 -11.93 -15.84
N SER B 148 8.07 -11.11 -16.70
CA SER B 148 6.62 -10.96 -16.73
C SER B 148 6.20 -10.68 -18.17
N ARG B 149 4.88 -10.61 -18.40
CA ARG B 149 4.36 -10.55 -19.75
C ARG B 149 4.08 -9.13 -20.21
N ALA B 150 4.32 -8.95 -21.51
CA ALA B 150 3.91 -7.74 -22.18
C ALA B 150 2.47 -7.39 -21.84
N VAL B 151 2.24 -6.10 -21.55
CA VAL B 151 0.92 -5.52 -21.36
C VAL B 151 0.33 -5.91 -20.01
N ALA B 152 1.03 -6.65 -19.15
CA ALA B 152 0.48 -7.02 -17.86
C ALA B 152 0.61 -5.90 -16.84
N TYR B 153 -0.36 -5.79 -15.94
CA TYR B 153 -0.32 -4.82 -14.87
C TYR B 153 -0.07 -5.55 -13.55
N HIS B 154 0.95 -5.11 -12.82
CA HIS B 154 1.32 -5.72 -11.55
C HIS B 154 1.48 -4.67 -10.45
N GLY B 155 1.03 -3.43 -10.69
CA GLY B 155 1.03 -2.42 -9.65
C GLY B 155 1.92 -1.22 -10.00
N THR B 156 1.89 -0.23 -9.11
CA THR B 156 2.43 1.08 -9.36
C THR B 156 3.58 1.54 -8.47
N PRO B 157 3.87 1.03 -7.23
CA PRO B 157 5.13 1.41 -6.62
C PRO B 157 6.25 0.98 -7.56
N GLN B 158 7.41 1.63 -7.49
CA GLN B 158 8.34 1.54 -8.58
C GLN B 158 9.01 0.16 -8.77
N GLY B 159 9.08 -0.72 -7.74
CA GLY B 159 9.51 -2.09 -8.02
C GLY B 159 8.40 -2.88 -8.75
N ALA B 160 7.15 -2.85 -8.23
CA ALA B 160 6.06 -3.47 -8.94
C ALA B 160 5.91 -2.94 -10.36
N LEU B 161 6.14 -1.64 -10.51
CA LEU B 161 5.97 -0.99 -11.79
C LEU B 161 6.99 -1.49 -12.82
N SER B 162 8.17 -1.94 -12.35
CA SER B 162 9.16 -2.52 -13.22
C SER B 162 8.59 -3.83 -13.79
N ILE B 163 7.89 -4.61 -12.95
CA ILE B 163 7.27 -5.87 -13.36
C ILE B 163 6.09 -5.60 -14.30
N THR B 164 5.36 -4.53 -14.05
CA THR B 164 4.32 -4.08 -14.96
C THR B 164 4.91 -3.96 -16.37
N GLY B 165 4.06 -4.25 -17.38
CA GLY B 165 4.47 -4.30 -18.78
C GLY B 165 3.71 -3.35 -19.68
N LEU B 166 3.27 -2.22 -19.12
CA LEU B 166 2.55 -1.18 -19.84
C LEU B 166 3.45 0.03 -19.97
N PRO B 167 4.10 0.28 -21.12
CA PRO B 167 5.02 1.40 -21.22
C PRO B 167 4.42 2.76 -20.87
N ALA B 168 3.12 2.95 -21.15
CA ALA B 168 2.54 4.24 -20.83
C ALA B 168 2.61 4.53 -19.34
N LEU B 169 2.53 3.48 -18.48
CA LEU B 169 2.58 3.63 -17.04
C LEU B 169 4.01 3.83 -16.54
N LYS B 170 5.02 3.63 -17.40
CA LYS B 170 6.41 3.50 -16.97
C LYS B 170 7.30 4.62 -17.53
N ALA B 171 7.09 5.00 -18.79
CA ALA B 171 8.00 5.92 -19.47
C ALA B 171 8.22 7.24 -18.70
N PRO B 172 7.18 7.86 -18.08
CA PRO B 172 7.43 9.09 -17.34
C PRO B 172 8.28 8.98 -16.08
N PHE B 173 8.45 7.73 -15.64
CA PHE B 173 9.05 7.47 -14.34
C PHE B 173 10.37 6.74 -14.44
N GLU B 174 10.81 6.29 -15.64
CA GLU B 174 12.04 5.56 -15.80
C GLU B 174 13.20 6.46 -15.46
N PRO B 175 14.31 5.90 -14.93
CA PRO B 175 14.55 4.47 -14.75
C PRO B 175 13.95 3.96 -13.44
N LEU B 176 13.59 2.67 -13.47
CA LEU B 176 12.95 2.00 -12.36
C LEU B 176 13.94 1.03 -11.73
N VAL B 177 13.46 -0.09 -11.19
CA VAL B 177 14.33 -1.05 -10.53
C VAL B 177 14.88 -1.98 -11.61
N PRO B 178 16.21 -2.10 -11.74
CA PRO B 178 16.74 -2.93 -12.82
C PRO B 178 16.34 -4.40 -12.65
N GLY B 179 16.18 -5.06 -13.79
CA GLY B 179 16.15 -6.52 -13.82
C GLY B 179 14.83 -7.08 -14.29
N ALA B 180 13.89 -6.27 -14.75
CA ALA B 180 12.59 -6.76 -15.16
C ALA B 180 12.55 -6.87 -16.69
N HIS B 181 12.33 -8.08 -17.18
CA HIS B 181 12.35 -8.38 -18.61
C HIS B 181 11.00 -8.95 -19.02
N LYS B 182 10.61 -8.71 -20.26
CA LYS B 182 9.28 -9.07 -20.74
C LYS B 182 9.30 -10.16 -21.80
N VAL B 183 8.23 -10.93 -21.82
CA VAL B 183 8.00 -11.98 -22.79
C VAL B 183 6.60 -11.79 -23.36
N PRO B 184 6.24 -12.46 -24.47
CA PRO B 184 4.89 -12.32 -25.01
C PRO B 184 3.81 -12.75 -24.04
N ASN B 185 2.66 -12.08 -24.15
CA ASN B 185 1.47 -12.50 -23.45
C ASN B 185 0.79 -13.63 -24.25
N THR B 186 -0.34 -14.09 -23.71
CA THR B 186 -1.00 -15.24 -24.33
C THR B 186 -2.29 -14.81 -25.01
N ASN B 187 -2.28 -13.65 -25.67
CA ASN B 187 -3.41 -13.19 -26.45
C ASN B 187 -3.53 -13.96 -27.77
N ILE B 188 -4.18 -15.11 -27.71
CA ILE B 188 -4.25 -15.99 -28.88
C ILE B 188 -5.01 -15.31 -30.02
N TYR B 189 -5.96 -14.42 -29.69
CA TYR B 189 -6.71 -13.71 -30.74
C TYR B 189 -5.80 -12.99 -31.71
N ARG B 190 -4.63 -12.49 -31.27
CA ARG B 190 -3.70 -11.81 -32.16
C ARG B 190 -2.35 -12.53 -32.20
N ALA B 191 -2.33 -13.84 -31.95
CA ALA B 191 -1.09 -14.58 -31.99
C ALA B 191 -0.44 -14.41 -33.36
N PRO B 192 0.90 -14.15 -33.38
CA PRO B 192 1.65 -14.20 -34.63
C PRO B 192 1.78 -15.62 -35.19
N LEU B 193 1.72 -16.59 -34.31
CA LEU B 193 1.87 -18.00 -34.67
C LEU B 193 0.94 -18.83 -33.80
N PHE B 194 0.33 -19.86 -34.40
CA PHE B 194 -0.47 -20.85 -33.71
C PHE B 194 -1.80 -20.25 -33.23
N GLY B 195 -2.31 -19.20 -33.88
CA GLY B 195 -3.61 -18.64 -33.56
C GLY B 195 -4.76 -19.62 -33.58
N ASP B 196 -4.64 -20.69 -34.41
CA ASP B 196 -5.72 -21.68 -34.45
CA ASP B 196 -5.67 -21.69 -34.57
C ASP B 196 -5.26 -23.02 -33.90
N ASP B 197 -4.22 -23.01 -33.03
CA ASP B 197 -3.76 -24.21 -32.38
C ASP B 197 -3.41 -23.87 -30.94
N PRO B 198 -4.43 -23.83 -30.05
CA PRO B 198 -4.19 -23.45 -28.66
C PRO B 198 -3.11 -24.23 -27.94
N GLU B 199 -3.00 -25.55 -28.17
CA GLU B 199 -1.98 -26.32 -27.50
C GLU B 199 -0.57 -25.90 -27.96
N ALA B 200 -0.38 -25.72 -29.26
CA ALA B 200 0.92 -25.31 -29.77
C ALA B 200 1.23 -23.89 -29.27
N PHE B 201 0.20 -23.03 -29.26
CA PHE B 201 0.38 -21.66 -28.80
C PHE B 201 0.82 -21.67 -27.33
N GLY B 202 0.17 -22.51 -26.49
CA GLY B 202 0.52 -22.58 -25.08
C GLY B 202 1.97 -22.99 -24.87
N ARG B 203 2.40 -24.03 -25.62
CA ARG B 203 3.78 -24.49 -25.53
CA ARG B 203 3.77 -24.50 -25.54
C ARG B 203 4.75 -23.38 -25.92
N TRP B 204 4.47 -22.73 -27.03
CA TRP B 204 5.27 -21.62 -27.56
C TRP B 204 5.38 -20.47 -26.54
N ALA B 205 4.23 -20.10 -25.98
CA ALA B 205 4.18 -18.92 -25.10
C ALA B 205 4.97 -19.20 -23.84
N ALA B 206 4.87 -20.41 -23.28
CA ALA B 206 5.66 -20.80 -22.14
C ALA B 206 7.14 -20.86 -22.47
N ASP B 207 7.47 -21.44 -23.64
CA ASP B 207 8.84 -21.55 -24.11
C ASP B 207 9.52 -20.19 -24.17
N GLN B 208 8.76 -19.11 -24.34
CA GLN B 208 9.39 -17.80 -24.41
C GLN B 208 9.96 -17.39 -23.07
N ILE B 209 9.36 -17.86 -21.98
CA ILE B 209 9.94 -17.66 -20.66
C ILE B 209 11.32 -18.33 -20.51
N GLU B 210 11.43 -19.59 -20.93
CA GLU B 210 12.73 -20.22 -21.00
C GLU B 210 13.71 -19.43 -21.86
N GLN B 211 13.26 -18.94 -23.02
CA GLN B 211 14.18 -18.19 -23.87
C GLN B 211 14.73 -16.98 -23.11
N GLN B 212 13.84 -16.21 -22.46
CA GLN B 212 14.32 -15.02 -21.77
C GLN B 212 15.27 -15.35 -20.61
N ILE B 213 14.99 -16.41 -19.87
CA ILE B 213 15.85 -16.87 -18.79
C ILE B 213 17.26 -17.16 -19.37
N LEU B 214 17.30 -17.85 -20.51
CA LEU B 214 18.57 -18.19 -21.14
C LEU B 214 19.30 -16.93 -21.62
N PHE B 215 18.55 -16.01 -22.20
CA PHE B 215 19.12 -14.78 -22.70
C PHE B 215 19.81 -13.98 -21.61
N GLU B 216 19.21 -13.90 -20.43
CA GLU B 216 19.74 -13.09 -19.35
C GLU B 216 20.70 -13.84 -18.44
N GLY B 217 20.68 -15.17 -18.54
CA GLY B 217 21.49 -16.05 -17.71
C GLY B 217 20.67 -16.54 -16.53
N PRO B 218 20.40 -17.85 -16.43
CA PRO B 218 19.56 -18.32 -15.33
C PRO B 218 20.05 -17.96 -13.94
N GLU B 219 21.37 -17.94 -13.74
CA GLU B 219 21.91 -17.62 -12.43
C GLU B 219 21.77 -16.14 -12.09
N THR B 220 21.14 -15.38 -13.00
CA THR B 220 20.83 -13.98 -12.66
C THR B 220 19.33 -13.76 -12.46
N VAL B 221 18.50 -14.79 -12.67
CA VAL B 221 17.05 -14.65 -12.68
C VAL B 221 16.48 -15.23 -11.41
N ALA B 222 15.65 -14.45 -10.71
CA ALA B 222 15.01 -14.84 -9.47
C ALA B 222 13.59 -15.37 -9.64
N ALA B 223 12.75 -14.73 -10.46
CA ALA B 223 11.32 -15.03 -10.42
C ALA B 223 10.62 -14.70 -11.73
N VAL B 224 9.48 -15.37 -11.89
CA VAL B 224 8.54 -15.15 -12.98
C VAL B 224 7.21 -14.79 -12.35
N PHE B 225 6.60 -13.67 -12.81
CA PHE B 225 5.35 -13.19 -12.27
C PHE B 225 4.30 -13.31 -13.36
N LEU B 226 3.20 -14.04 -13.06
CA LEU B 226 2.13 -14.26 -14.03
C LEU B 226 0.77 -14.21 -13.31
N GLU B 227 -0.18 -13.48 -13.90
CA GLU B 227 -1.57 -13.57 -13.49
C GLU B 227 -2.17 -14.87 -14.04
N PRO B 228 -3.10 -15.53 -13.31
CA PRO B 228 -3.78 -16.72 -13.88
C PRO B 228 -4.49 -16.39 -15.18
N VAL B 229 -5.27 -15.33 -15.20
CA VAL B 229 -5.92 -14.74 -16.36
C VAL B 229 -5.46 -13.28 -16.41
N GLN B 230 -4.81 -12.86 -17.51
CA GLN B 230 -4.19 -11.56 -17.56
C GLN B 230 -5.27 -10.51 -17.77
N ASN B 231 -5.31 -9.49 -16.92
CA ASN B 231 -6.27 -8.39 -17.05
C ASN B 231 -5.91 -7.39 -18.14
N ALA B 232 -4.82 -6.65 -17.94
CA ALA B 232 -4.44 -5.59 -18.85
C ALA B 232 -4.07 -6.21 -20.19
N GLY B 233 -4.49 -5.52 -21.23
CA GLY B 233 -4.42 -6.04 -22.60
C GLY B 233 -5.79 -6.52 -23.02
N GLY B 234 -6.60 -6.97 -22.04
CA GLY B 234 -8.01 -7.26 -22.30
C GLY B 234 -8.42 -8.70 -22.06
N CYS B 235 -8.07 -9.27 -20.89
CA CYS B 235 -8.59 -10.52 -20.40
C CYS B 235 -8.09 -11.71 -21.24
N PHE B 236 -6.88 -12.20 -20.94
CA PHE B 236 -6.30 -13.33 -21.67
C PHE B 236 -6.25 -14.52 -20.76
N PRO B 237 -7.12 -15.55 -20.93
CA PRO B 237 -6.98 -16.78 -20.19
C PRO B 237 -5.76 -17.57 -20.65
N PRO B 238 -5.26 -18.49 -19.83
CA PRO B 238 -4.06 -19.24 -20.17
C PRO B 238 -4.44 -20.28 -21.22
N PRO B 239 -3.55 -20.51 -22.19
CA PRO B 239 -3.80 -21.60 -23.12
C PRO B 239 -3.62 -22.93 -22.43
N PRO B 240 -4.16 -23.99 -23.06
CA PRO B 240 -3.95 -25.33 -22.53
C PRO B 240 -2.47 -25.67 -22.40
N GLY B 241 -2.09 -26.29 -21.29
CA GLY B 241 -0.75 -26.75 -21.00
C GLY B 241 0.27 -25.65 -20.64
N TYR B 242 -0.16 -24.40 -20.66
CA TYR B 242 0.78 -23.29 -20.46
C TYR B 242 1.40 -23.31 -19.07
N PHE B 243 0.57 -23.30 -18.03
CA PHE B 243 1.11 -23.22 -16.70
C PHE B 243 1.93 -24.44 -16.31
N GLN B 244 1.54 -25.63 -16.77
CA GLN B 244 2.33 -26.81 -16.48
C GLN B 244 3.77 -26.63 -17.03
N ARG B 245 3.87 -26.09 -18.23
CA ARG B 245 5.18 -25.91 -18.86
CA ARG B 245 5.18 -25.92 -18.85
C ARG B 245 5.96 -24.79 -18.15
N VAL B 246 5.25 -23.73 -17.77
CA VAL B 246 5.92 -22.68 -17.00
C VAL B 246 6.51 -23.24 -15.71
N ARG B 247 5.73 -24.05 -15.00
CA ARG B 247 6.21 -24.63 -13.75
C ARG B 247 7.44 -25.51 -13.98
N GLU B 248 7.44 -26.28 -15.07
CA GLU B 248 8.58 -27.10 -15.44
C GLU B 248 9.83 -26.25 -15.69
N ILE B 249 9.66 -25.16 -16.42
CA ILE B 249 10.77 -24.25 -16.74
C ILE B 249 11.32 -23.63 -15.47
N CYS B 250 10.43 -23.13 -14.58
CA CYS B 250 10.88 -22.51 -13.35
C CYS B 250 11.64 -23.54 -12.49
N ASP B 251 11.14 -24.80 -12.41
CA ASP B 251 11.84 -25.82 -11.66
C ASP B 251 13.23 -26.11 -12.27
N GLN B 252 13.30 -26.17 -13.59
CA GLN B 252 14.54 -26.51 -14.27
C GLN B 252 15.63 -25.48 -14.00
N TYR B 253 15.27 -24.19 -14.03
CA TYR B 253 16.23 -23.09 -13.96
C TYR B 253 16.33 -22.47 -12.55
N ASP B 254 15.70 -23.07 -11.53
CA ASP B 254 15.81 -22.61 -10.16
C ASP B 254 15.29 -21.17 -10.10
N VAL B 255 14.12 -20.96 -10.69
CA VAL B 255 13.45 -19.66 -10.67
C VAL B 255 12.12 -19.81 -9.96
N LEU B 256 11.70 -18.80 -9.23
CA LEU B 256 10.48 -18.86 -8.45
C LEU B 256 9.31 -18.42 -9.32
N LEU B 257 8.21 -19.10 -9.16
CA LEU B 257 6.97 -18.74 -9.83
C LEU B 257 6.04 -18.03 -8.85
N VAL B 258 5.68 -16.78 -9.22
CA VAL B 258 4.75 -15.98 -8.46
C VAL B 258 3.46 -15.85 -9.23
N SER B 259 2.37 -16.36 -8.63
CA SER B 259 1.05 -16.26 -9.19
C SER B 259 0.47 -14.93 -8.68
N ASP B 260 0.28 -13.98 -9.59
CA ASP B 260 -0.22 -12.65 -9.19
C ASP B 260 -1.74 -12.73 -9.30
N GLU B 261 -2.37 -13.02 -8.16
CA GLU B 261 -3.78 -13.31 -8.07
C GLU B 261 -4.54 -12.14 -7.44
N VAL B 262 -4.02 -10.91 -7.56
CA VAL B 262 -4.74 -9.78 -7.01
C VAL B 262 -6.16 -9.66 -7.57
N ILE B 263 -6.34 -9.89 -8.88
CA ILE B 263 -7.69 -9.97 -9.42
C ILE B 263 -8.27 -11.37 -9.28
N CYS B 264 -7.49 -12.41 -9.58
CA CYS B 264 -8.05 -13.73 -9.83
C CYS B 264 -8.41 -14.53 -8.56
N ALA B 265 -7.84 -14.26 -7.40
CA ALA B 265 -8.20 -15.01 -6.21
C ALA B 265 -9.56 -14.59 -5.65
N PHE B 266 -9.99 -15.37 -4.67
CA PHE B 266 -11.22 -15.13 -3.92
C PHE B 266 -12.42 -15.20 -4.87
N GLY B 267 -12.47 -16.34 -5.58
CA GLY B 267 -13.65 -16.79 -6.30
C GLY B 267 -13.87 -16.22 -7.68
N ARG B 268 -13.00 -15.29 -8.16
CA ARG B 268 -13.22 -14.67 -9.46
C ARG B 268 -13.29 -15.74 -10.56
N LEU B 269 -12.53 -16.84 -10.36
CA LEU B 269 -12.48 -17.94 -11.32
C LEU B 269 -13.11 -19.19 -10.72
N GLY B 270 -13.76 -19.08 -9.55
CA GLY B 270 -14.45 -20.24 -8.99
C GLY B 270 -13.64 -21.02 -7.96
N THR B 271 -12.42 -20.56 -7.58
CA THR B 271 -11.66 -21.19 -6.53
C THR B 271 -11.10 -20.10 -5.60
N THR B 272 -10.68 -20.49 -4.40
CA THR B 272 -10.14 -19.48 -3.48
C THR B 272 -8.82 -18.94 -4.00
N PHE B 273 -7.95 -19.83 -4.48
CA PHE B 273 -6.74 -19.39 -5.18
C PHE B 273 -6.83 -19.87 -6.60
N ALA B 274 -6.64 -18.96 -7.54
CA ALA B 274 -6.89 -19.20 -8.94
C ALA B 274 -5.87 -20.17 -9.53
N CYS B 275 -4.67 -20.30 -8.96
CA CYS B 275 -3.72 -21.29 -9.44
C CYS B 275 -4.37 -22.66 -9.41
N ASP B 276 -5.25 -22.91 -8.44
CA ASP B 276 -5.93 -24.18 -8.34
C ASP B 276 -6.89 -24.41 -9.50
N LYS B 277 -7.49 -23.37 -10.09
CA LYS B 277 -8.37 -23.49 -11.25
C LYS B 277 -7.57 -24.10 -12.41
N PHE B 278 -6.26 -23.79 -12.50
CA PHE B 278 -5.46 -24.21 -13.65
C PHE B 278 -4.48 -25.33 -13.29
N GLY B 279 -4.45 -25.75 -12.04
CA GLY B 279 -3.74 -26.94 -11.60
C GLY B 279 -2.23 -26.75 -11.47
N TYR B 280 -1.74 -25.55 -11.12
CA TYR B 280 -0.32 -25.37 -10.88
C TYR B 280 -0.09 -24.87 -9.45
N VAL B 281 1.08 -25.19 -8.92
CA VAL B 281 1.47 -24.80 -7.59
C VAL B 281 2.62 -23.80 -7.71
N PRO B 282 2.37 -22.49 -7.48
CA PRO B 282 3.45 -21.52 -7.50
C PRO B 282 4.24 -21.54 -6.21
N ASP B 283 5.35 -20.79 -6.19
CA ASP B 283 6.18 -20.63 -5.02
C ASP B 283 5.62 -19.54 -4.09
N MET B 284 4.97 -18.53 -4.69
CA MET B 284 4.29 -17.46 -3.95
C MET B 284 3.02 -17.07 -4.70
N ILE B 285 2.04 -16.57 -3.90
CA ILE B 285 0.82 -15.98 -4.40
C ILE B 285 0.74 -14.55 -3.86
N THR B 286 0.47 -13.59 -4.75
CA THR B 286 0.14 -12.24 -4.32
C THR B 286 -1.39 -12.07 -4.46
N CYS B 287 -2.01 -11.42 -3.46
CA CYS B 287 -3.45 -11.26 -3.46
C CYS B 287 -3.83 -10.01 -2.66
N ALA B 288 -5.04 -9.51 -2.92
CA ALA B 288 -5.55 -8.31 -2.24
C ALA B 288 -7.04 -8.21 -2.60
N GLY B 290 -10.34 -8.84 -3.53
CA GLY B 290 -11.52 -9.55 -3.07
C GLY B 290 -11.39 -10.30 -1.74
N MET B 291 -10.22 -10.26 -1.09
CA MET B 291 -10.04 -10.91 0.20
C MET B 291 -11.14 -10.53 1.22
N THR B 292 -11.56 -9.26 1.20
CA THR B 292 -12.60 -8.69 2.07
C THR B 292 -13.83 -8.27 1.25
N SER B 293 -13.93 -8.69 -0.01
CA SER B 293 -14.87 -8.10 -0.93
C SER B 293 -14.70 -6.59 -0.98
N GLY B 294 -13.47 -6.15 -0.66
CA GLY B 294 -13.15 -4.73 -0.65
C GLY B 294 -13.66 -3.98 0.56
N TYR B 295 -14.23 -4.62 1.56
CA TYR B 295 -14.86 -3.88 2.65
C TYR B 295 -13.84 -3.24 3.60
N SER B 296 -12.60 -3.72 3.62
CA SER B 296 -11.55 -3.11 4.42
C SER B 296 -10.19 -3.44 3.82
N PRO B 297 -9.28 -2.49 3.60
CA PRO B 297 -8.05 -2.81 2.83
C PRO B 297 -7.15 -3.84 3.53
N ILE B 298 -6.75 -4.87 2.75
CA ILE B 298 -5.79 -5.88 3.16
C ILE B 298 -5.43 -6.70 1.92
N GLY B 299 -4.20 -7.20 1.92
CA GLY B 299 -3.70 -8.11 0.92
C GLY B 299 -2.62 -8.97 1.57
N ALA B 300 -1.96 -9.82 0.76
CA ALA B 300 -0.94 -10.69 1.29
C ALA B 300 -0.05 -11.21 0.15
N CYS B 301 1.16 -11.57 0.58
CA CYS B 301 2.06 -12.43 -0.15
C CYS B 301 2.10 -13.75 0.63
N ILE B 302 1.65 -14.82 -0.01
CA ILE B 302 1.60 -16.15 0.59
C ILE B 302 2.76 -16.96 0.04
N ILE B 303 3.53 -17.60 0.94
CA ILE B 303 4.89 -17.99 0.62
C ILE B 303 5.13 -19.45 1.03
N SER B 304 5.78 -20.17 0.11
N SER B 304 5.80 -20.16 0.14
CA SER B 304 6.23 -21.53 0.37
CA SER B 304 6.22 -21.53 0.41
C SER B 304 7.11 -21.64 1.62
C SER B 304 7.09 -21.62 1.66
N ASP B 305 6.89 -22.69 2.42
CA ASP B 305 7.72 -22.96 3.57
C ASP B 305 9.20 -23.13 3.18
N ARG B 306 9.47 -23.71 2.00
CA ARG B 306 10.83 -23.86 1.51
CA ARG B 306 10.82 -23.86 1.47
C ARG B 306 11.54 -22.51 1.41
N LEU B 307 10.82 -21.47 0.95
CA LEU B 307 11.40 -20.13 0.89
C LEU B 307 11.58 -19.52 2.25
N ALA B 308 10.65 -19.75 3.17
CA ALA B 308 10.75 -19.19 4.50
C ALA B 308 11.91 -19.73 5.32
N GLU B 309 12.28 -20.98 5.03
CA GLU B 309 13.18 -21.71 5.94
C GLU B 309 14.41 -20.89 6.31
N PRO B 310 15.20 -20.35 5.36
CA PRO B 310 16.42 -19.68 5.77
C PRO B 310 16.18 -18.41 6.57
N PHE B 311 15.02 -17.79 6.38
CA PHE B 311 14.73 -16.56 7.09
C PHE B 311 14.39 -16.81 8.54
N TYR B 312 14.00 -18.07 8.85
CA TYR B 312 13.58 -18.40 10.21
C TYR B 312 14.71 -19.01 11.03
N GLN B 313 15.95 -18.93 10.54
CA GLN B 313 17.10 -19.46 11.26
C GLN B 313 17.91 -18.31 11.84
N GLY B 314 18.24 -18.40 13.12
CA GLY B 314 19.20 -17.49 13.73
C GLY B 314 18.79 -16.03 13.63
N ASP B 315 19.77 -15.16 13.36
CA ASP B 315 19.58 -13.73 13.44
CA ASP B 315 19.52 -13.73 13.45
C ASP B 315 18.95 -13.20 12.13
N ASN B 316 18.60 -14.08 11.21
CA ASN B 316 18.14 -13.61 9.91
C ASN B 316 16.77 -12.95 10.06
N THR B 317 16.53 -11.89 9.26
CA THR B 317 15.29 -11.13 9.33
CA THR B 317 15.26 -11.21 9.31
C THR B 317 14.95 -10.65 7.92
N PHE B 318 13.68 -10.74 7.53
CA PHE B 318 13.19 -10.03 6.37
C PHE B 318 12.80 -8.63 6.83
N LEU B 319 13.69 -7.65 6.62
CA LEU B 319 13.52 -6.29 7.14
C LEU B 319 12.58 -5.54 6.20
N HIS B 320 11.32 -5.91 6.28
CA HIS B 320 10.30 -5.44 5.37
C HIS B 320 8.96 -5.44 6.13
N GLY B 321 8.06 -4.58 5.69
CA GLY B 321 6.82 -4.45 6.42
C GLY B 321 6.01 -3.23 5.95
N TYR B 322 4.80 -3.18 6.47
CA TYR B 322 3.87 -2.08 6.19
C TYR B 322 3.11 -1.84 7.49
N THR B 323 2.95 -0.61 7.91
CA THR B 323 2.24 -0.28 9.14
C THR B 323 0.90 -0.96 9.19
N PHE B 324 0.11 -0.84 8.14
CA PHE B 324 -1.25 -1.29 8.13
C PHE B 324 -1.44 -2.69 7.55
N GLY B 325 -0.36 -3.42 7.28
CA GLY B 325 -0.54 -4.79 6.80
C GLY B 325 -1.15 -5.67 7.89
N GLY B 326 -2.16 -6.48 7.54
CA GLY B 326 -2.73 -7.41 8.52
C GLY B 326 -3.59 -6.74 9.58
N HIS B 327 -4.13 -5.57 9.23
CA HIS B 327 -4.87 -4.73 10.15
C HIS B 327 -5.94 -5.56 10.86
N PRO B 328 -6.20 -5.30 12.17
CA PRO B 328 -7.21 -6.10 12.87
C PRO B 328 -8.60 -6.05 12.26
N VAL B 329 -9.02 -4.83 11.92
CA VAL B 329 -10.37 -4.69 11.39
C VAL B 329 -10.43 -5.39 10.03
N SER B 330 -9.43 -5.14 9.17
CA SER B 330 -9.44 -5.79 7.87
C SER B 330 -9.43 -7.30 8.00
N SER B 331 -8.65 -7.78 8.94
CA SER B 331 -8.55 -9.22 9.17
C SER B 331 -9.90 -9.82 9.59
N ALA B 332 -10.56 -9.17 10.54
CA ALA B 332 -11.90 -9.59 11.00
C ALA B 332 -12.88 -9.61 9.82
N VAL B 333 -12.84 -8.54 9.00
CA VAL B 333 -13.72 -8.44 7.86
C VAL B 333 -13.40 -9.54 6.84
N ALA B 334 -12.12 -9.81 6.58
CA ALA B 334 -11.76 -10.88 5.66
C ALA B 334 -12.32 -12.22 6.13
N LEU B 335 -12.21 -12.50 7.44
CA LEU B 335 -12.74 -13.76 7.95
C LEU B 335 -14.24 -13.85 7.78
N ALA B 336 -14.95 -12.76 8.03
CA ALA B 336 -16.38 -12.72 7.82
C ALA B 336 -16.75 -12.88 6.34
N ASN B 337 -15.95 -12.29 5.45
CA ASN B 337 -16.15 -12.45 4.02
C ASN B 337 -15.96 -13.92 3.61
N LEU B 338 -14.92 -14.55 4.13
CA LEU B 338 -14.70 -15.96 3.81
C LEU B 338 -15.84 -16.79 4.40
N ASP B 339 -16.39 -16.39 5.54
CA ASP B 339 -17.60 -17.07 6.05
C ASP B 339 -18.75 -17.00 5.05
N ILE B 340 -19.02 -15.82 4.46
CA ILE B 340 -20.05 -15.69 3.44
C ILE B 340 -19.75 -16.66 2.30
N PHE B 341 -18.50 -16.65 1.82
CA PHE B 341 -18.14 -17.54 0.73
C PHE B 341 -18.49 -18.99 1.07
N ASP B 342 -18.15 -19.42 2.29
CA ASP B 342 -18.34 -20.82 2.64
C ASP B 342 -19.84 -21.13 2.74
N ARG B 343 -20.58 -20.24 3.38
CA ARG B 343 -22.00 -20.51 3.60
C ARG B 343 -22.81 -20.44 2.31
N GLU B 344 -22.55 -19.44 1.44
CA GLU B 344 -23.28 -19.27 0.20
C GLU B 344 -22.71 -20.08 -0.97
N GLY B 345 -21.54 -20.70 -0.78
CA GLY B 345 -20.91 -21.47 -1.85
C GLY B 345 -20.57 -20.65 -3.08
N LEU B 346 -20.07 -19.40 -2.89
CA LEU B 346 -19.81 -18.52 -4.02
C LEU B 346 -18.81 -19.08 -5.03
N ASN B 347 -17.80 -19.83 -4.57
CA ASN B 347 -16.83 -20.40 -5.49
C ASN B 347 -17.53 -21.39 -6.43
N GLN B 348 -18.32 -22.31 -5.85
CA GLN B 348 -19.06 -23.25 -6.66
C GLN B 348 -20.07 -22.56 -7.56
N HIS B 349 -20.72 -21.49 -7.05
CA HIS B 349 -21.66 -20.74 -7.86
C HIS B 349 -20.99 -20.23 -9.13
N VAL B 350 -19.74 -19.73 -9.01
CA VAL B 350 -19.02 -19.29 -10.20
C VAL B 350 -18.69 -20.45 -11.14
N LEU B 351 -18.25 -21.57 -10.59
CA LEU B 351 -17.96 -22.73 -11.45
C LEU B 351 -19.24 -23.16 -12.17
N ASP B 352 -20.39 -23.12 -11.48
CA ASP B 352 -21.64 -23.60 -12.06
C ASP B 352 -22.22 -22.65 -13.09
N ASN B 353 -21.80 -21.37 -13.07
CA ASN B 353 -22.39 -20.38 -13.93
C ASN B 353 -21.45 -19.81 -14.99
N GLU B 354 -20.14 -20.12 -14.95
CA GLU B 354 -19.19 -19.53 -15.88
C GLU B 354 -19.58 -19.87 -17.32
N GLY B 355 -20.04 -21.11 -17.55
CA GLY B 355 -20.41 -21.49 -18.90
C GLY B 355 -21.51 -20.63 -19.50
N THR B 356 -22.61 -20.43 -18.74
CA THR B 356 -23.74 -19.67 -19.23
C THR B 356 -23.38 -18.20 -19.30
N PHE B 357 -22.53 -17.67 -18.38
CA PHE B 357 -22.12 -16.28 -18.52
C PHE B 357 -21.40 -16.08 -19.85
N PHE B 358 -20.41 -16.94 -20.12
CA PHE B 358 -19.63 -16.85 -21.34
C PHE B 358 -20.54 -16.98 -22.56
N ALA B 359 -21.41 -18.00 -22.55
CA ALA B 359 -22.32 -18.23 -23.70
C ALA B 359 -23.22 -17.02 -23.92
N THR B 360 -23.70 -16.39 -22.82
CA THR B 360 -24.55 -15.23 -22.95
C THR B 360 -23.81 -14.12 -23.66
N LEU B 361 -22.55 -13.79 -23.23
CA LEU B 361 -21.76 -12.76 -23.87
C LEU B 361 -21.43 -13.10 -25.32
N GLN B 362 -21.24 -14.40 -25.58
CA GLN B 362 -20.90 -14.82 -26.94
C GLN B 362 -22.03 -14.49 -27.93
N LYS B 363 -23.24 -14.29 -27.45
CA LYS B 363 -24.30 -13.86 -28.35
C LYS B 363 -23.96 -12.58 -29.09
N LEU B 364 -23.09 -11.74 -28.50
CA LEU B 364 -22.70 -10.48 -29.09
C LEU B 364 -21.84 -10.63 -30.36
N HIS B 365 -21.43 -11.86 -30.67
CA HIS B 365 -20.61 -12.13 -31.84
CA HIS B 365 -20.61 -12.15 -31.85
C HIS B 365 -21.32 -11.74 -33.14
N ASP B 366 -22.66 -11.62 -33.13
CA ASP B 366 -23.37 -11.29 -34.36
C ASP B 366 -23.31 -9.79 -34.67
N LEU B 367 -22.66 -8.99 -33.81
CA LEU B 367 -22.51 -7.58 -34.06
C LEU B 367 -21.22 -7.35 -34.83
N PRO B 368 -21.21 -6.46 -35.85
CA PRO B 368 -20.01 -6.24 -36.63
C PRO B 368 -18.81 -5.64 -35.90
N ILE B 369 -19.05 -4.93 -34.77
CA ILE B 369 -17.96 -4.32 -34.03
C ILE B 369 -17.27 -5.33 -33.10
N VAL B 370 -17.87 -6.49 -32.89
CA VAL B 370 -17.36 -7.44 -31.90
C VAL B 370 -16.41 -8.41 -32.58
N GLY B 371 -15.12 -8.30 -32.23
CA GLY B 371 -14.08 -9.16 -32.77
C GLY B 371 -13.88 -10.43 -31.97
N ASP B 372 -14.00 -10.35 -30.63
CA ASP B 372 -13.72 -11.51 -29.81
C ASP B 372 -14.48 -11.39 -28.48
N VAL B 373 -14.83 -12.55 -27.94
CA VAL B 373 -15.40 -12.70 -26.62
C VAL B 373 -14.57 -13.79 -25.93
N ARG B 374 -13.95 -13.48 -24.79
CA ARG B 374 -13.05 -14.42 -24.15
C ARG B 374 -13.02 -14.21 -22.65
N GLY B 375 -12.59 -15.23 -21.93
CA GLY B 375 -12.43 -15.14 -20.48
C GLY B 375 -12.58 -16.48 -19.80
N ASN B 376 -12.85 -16.43 -18.49
CA ASN B 376 -12.88 -17.58 -17.62
C ASN B 376 -13.65 -17.18 -16.36
N GLY B 377 -14.35 -18.12 -15.72
CA GLY B 377 -14.98 -17.78 -14.46
C GLY B 377 -16.01 -16.66 -14.64
N PHE B 378 -15.92 -15.63 -13.77
CA PHE B 378 -16.71 -14.42 -13.93
C PHE B 378 -15.80 -13.26 -14.34
N PHE B 379 -14.98 -13.49 -15.35
CA PHE B 379 -14.05 -12.50 -15.86
C PHE B 379 -13.95 -12.60 -17.38
N TYR B 380 -14.43 -11.58 -18.08
CA TYR B 380 -14.54 -11.63 -19.54
C TYR B 380 -14.07 -10.33 -20.14
N GLY B 381 -13.64 -10.44 -21.42
CA GLY B 381 -13.36 -9.31 -22.27
C GLY B 381 -14.08 -9.45 -23.60
N ILE B 382 -14.60 -8.31 -24.04
CA ILE B 382 -15.24 -8.17 -25.34
C ILE B 382 -14.39 -7.21 -26.15
N GLU B 383 -13.69 -7.75 -27.17
CA GLU B 383 -12.78 -6.93 -27.93
C GLU B 383 -13.49 -6.35 -29.16
N LEU B 384 -13.41 -5.05 -29.28
CA LEU B 384 -14.05 -4.34 -30.38
C LEU B 384 -13.02 -4.12 -31.50
N VAL B 385 -13.50 -4.18 -32.75
CA VAL B 385 -12.63 -4.01 -33.91
C VAL B 385 -13.37 -3.18 -34.97
N LYS B 386 -12.59 -2.62 -35.88
CA LYS B 386 -13.12 -1.87 -37.02
C LYS B 386 -13.58 -2.83 -38.13
N ASP B 387 -13.07 -4.06 -38.17
CA ASP B 387 -13.42 -5.04 -39.16
C ASP B 387 -13.06 -6.43 -38.65
N LYS B 388 -14.06 -7.28 -38.53
CA LYS B 388 -13.93 -8.59 -37.91
C LYS B 388 -13.04 -9.50 -38.75
N ALA B 389 -13.13 -9.36 -40.10
CA ALA B 389 -12.43 -10.28 -40.97
C ALA B 389 -10.91 -10.09 -40.85
N THR B 390 -10.46 -8.84 -40.72
CA THR B 390 -9.04 -8.51 -40.66
C THR B 390 -8.58 -8.22 -39.22
N LYS B 391 -9.50 -8.17 -38.25
CA LYS B 391 -9.17 -7.79 -36.87
C LYS B 391 -8.57 -6.39 -36.81
N GLU B 392 -8.97 -5.50 -37.73
CA GLU B 392 -8.45 -4.15 -37.81
C GLU B 392 -8.77 -3.36 -36.54
N THR B 393 -7.76 -2.65 -36.04
CA THR B 393 -7.87 -1.83 -34.84
C THR B 393 -8.33 -0.42 -35.20
N PHE B 394 -8.58 0.37 -34.16
CA PHE B 394 -9.04 1.74 -34.31
C PHE B 394 -7.86 2.70 -34.46
N THR B 395 -8.12 3.81 -35.16
CA THR B 395 -7.18 4.90 -35.22
C THR B 395 -7.16 5.61 -33.87
N GLU B 396 -6.18 6.49 -33.70
CA GLU B 396 -6.12 7.31 -32.50
C GLU B 396 -7.38 8.18 -32.39
N GLU B 397 -7.82 8.77 -33.52
CA GLU B 397 -9.00 9.61 -33.52
C GLU B 397 -10.23 8.81 -33.13
N GLU B 398 -10.39 7.61 -33.69
CA GLU B 398 -11.53 6.76 -33.36
C GLU B 398 -11.49 6.36 -31.89
N THR B 399 -10.29 6.07 -31.40
CA THR B 399 -10.13 5.70 -30.00
C THR B 399 -10.65 6.82 -29.10
N GLU B 400 -10.31 8.08 -29.41
CA GLU B 400 -10.76 9.21 -28.60
C GLU B 400 -12.25 9.41 -28.73
N ARG B 401 -12.74 9.53 -29.97
CA ARG B 401 -14.12 9.89 -30.18
C ARG B 401 -15.07 8.77 -29.81
N VAL B 402 -14.76 7.54 -30.24
CA VAL B 402 -15.72 6.46 -30.17
C VAL B 402 -15.53 5.64 -28.89
N LEU B 403 -14.29 5.44 -28.43
CA LEU B 403 -14.08 4.59 -27.24
C LEU B 403 -14.08 5.45 -25.97
N TYR B 404 -13.13 6.38 -25.85
CA TYR B 404 -13.06 7.21 -24.67
C TYR B 404 -14.34 8.03 -24.53
N GLY B 405 -14.80 8.62 -25.64
CA GLY B 405 -15.98 9.47 -25.59
C GLY B 405 -17.27 8.65 -25.62
N PHE B 406 -17.66 8.20 -26.81
CA PHE B 406 -19.01 7.70 -26.98
C PHE B 406 -19.25 6.44 -26.14
N LEU B 407 -18.38 5.43 -26.29
CA LEU B 407 -18.66 4.12 -25.72
C LEU B 407 -18.73 4.22 -24.19
N SER B 408 -17.71 4.80 -23.57
CA SER B 408 -17.68 4.81 -22.12
C SER B 408 -18.88 5.57 -21.53
N LYS B 409 -19.27 6.69 -22.17
CA LYS B 409 -20.44 7.43 -21.71
C LYS B 409 -21.72 6.63 -21.88
N ALA B 410 -21.86 5.97 -23.04
CA ALA B 410 -23.06 5.25 -23.37
C ALA B 410 -23.25 4.06 -22.44
N LEU B 411 -22.16 3.36 -22.08
CA LEU B 411 -22.29 2.19 -21.22
C LEU B 411 -22.88 2.63 -19.89
N PHE B 412 -22.28 3.67 -19.31
CA PHE B 412 -22.74 4.18 -18.03
C PHE B 412 -24.18 4.67 -18.13
N ASP B 413 -24.46 5.48 -19.15
CA ASP B 413 -25.79 6.07 -19.27
C ASP B 413 -26.88 5.04 -19.52
N ASN B 414 -26.52 3.86 -20.06
CA ASN B 414 -27.46 2.79 -20.30
C ASN B 414 -27.54 1.83 -19.12
N GLY B 415 -26.86 2.13 -18.02
CA GLY B 415 -27.02 1.39 -16.79
C GLY B 415 -25.89 0.43 -16.43
N LEU B 416 -24.73 0.49 -17.13
CA LEU B 416 -23.68 -0.49 -16.87
C LEU B 416 -22.38 0.24 -16.53
N TYR B 417 -21.94 0.11 -15.29
CA TYR B 417 -20.59 0.50 -14.95
C TYR B 417 -19.61 -0.61 -15.31
N CYS B 418 -18.64 -0.28 -16.18
CA CYS B 418 -17.59 -1.22 -16.57
C CYS B 418 -16.38 -0.50 -17.12
N ARG B 419 -16.21 0.79 -16.84
CA ARG B 419 -15.09 1.57 -17.38
C ARG B 419 -14.49 2.47 -16.30
N ALA B 420 -13.17 2.31 -16.05
CA ALA B 420 -12.53 3.13 -15.03
C ALA B 420 -11.23 3.69 -15.62
N ASP B 421 -10.11 3.00 -15.40
CA ASP B 421 -8.85 3.35 -16.02
C ASP B 421 -8.83 3.11 -17.54
N ASP B 422 -9.75 2.26 -18.04
CA ASP B 422 -9.72 1.72 -19.38
C ASP B 422 -10.76 2.35 -20.31
N ARG B 423 -11.12 3.61 -20.06
CA ARG B 423 -12.17 4.25 -20.83
C ARG B 423 -11.82 4.30 -22.32
N GLY B 424 -10.51 4.41 -22.67
CA GLY B 424 -10.11 4.47 -24.06
C GLY B 424 -9.68 3.14 -24.65
N ASP B 425 -9.93 2.04 -23.93
CA ASP B 425 -9.45 0.74 -24.37
C ASP B 425 -10.46 0.04 -25.30
N PRO B 426 -10.01 -0.65 -26.38
CA PRO B 426 -10.92 -1.36 -27.29
C PRO B 426 -11.49 -2.65 -26.74
N VAL B 427 -11.10 -3.04 -25.53
CA VAL B 427 -11.68 -4.20 -24.91
C VAL B 427 -12.54 -3.74 -23.75
N ILE B 428 -13.78 -4.21 -23.72
CA ILE B 428 -14.65 -4.01 -22.58
C ILE B 428 -14.47 -5.20 -21.66
N GLN B 429 -14.13 -4.94 -20.38
CA GLN B 429 -13.96 -6.02 -19.43
C GLN B 429 -15.13 -6.03 -18.43
N LEU B 430 -15.42 -7.26 -17.96
CA LEU B 430 -16.55 -7.50 -17.08
C LEU B 430 -16.06 -8.43 -15.99
N ALA B 431 -16.44 -8.09 -14.75
CA ALA B 431 -16.08 -8.89 -13.59
C ALA B 431 -17.06 -8.53 -12.47
N PRO B 432 -18.37 -8.85 -12.65
CA PRO B 432 -19.37 -8.42 -11.68
C PRO B 432 -19.27 -9.20 -10.38
N PRO B 433 -20.03 -8.80 -9.33
CA PRO B 433 -20.00 -9.56 -8.10
C PRO B 433 -20.33 -11.03 -8.30
N LEU B 434 -19.80 -11.88 -7.44
CA LEU B 434 -19.94 -13.31 -7.62
C LEU B 434 -21.38 -13.78 -7.34
N ILE B 435 -22.19 -12.96 -6.71
CA ILE B 435 -23.61 -13.28 -6.54
C ILE B 435 -24.41 -13.08 -7.84
N SER B 436 -23.78 -12.58 -8.90
CA SER B 436 -24.45 -12.40 -10.20
C SER B 436 -25.02 -13.71 -10.71
N ASP B 437 -26.14 -13.60 -11.41
CA ASP B 437 -26.84 -14.78 -11.92
C ASP B 437 -27.25 -14.53 -13.36
N GLN B 438 -28.05 -15.46 -13.92
CA GLN B 438 -28.42 -15.35 -15.32
C GLN B 438 -29.04 -14.01 -15.60
N SER B 439 -29.90 -13.50 -14.70
CA SER B 439 -30.50 -12.21 -14.89
CA SER B 439 -30.51 -12.20 -14.92
C SER B 439 -29.43 -11.13 -15.06
N THR B 440 -28.37 -11.18 -14.23
CA THR B 440 -27.27 -10.23 -14.41
C THR B 440 -26.60 -10.38 -15.78
N PHE B 441 -26.36 -11.64 -16.22
CA PHE B 441 -25.67 -11.85 -17.48
C PHE B 441 -26.50 -11.32 -18.65
N ASP B 442 -27.83 -11.54 -18.60
CA ASP B 442 -28.73 -11.07 -19.63
C ASP B 442 -28.79 -9.53 -19.62
N GLU B 443 -28.75 -8.93 -18.43
CA GLU B 443 -28.79 -7.48 -18.30
C GLU B 443 -27.56 -6.86 -18.96
N ILE B 444 -26.40 -7.48 -18.72
CA ILE B 444 -25.16 -7.04 -19.33
C ILE B 444 -25.21 -7.16 -20.85
N GLU B 445 -25.61 -8.32 -21.36
CA GLU B 445 -25.65 -8.50 -22.80
C GLU B 445 -26.58 -7.52 -23.47
N GLY B 446 -27.72 -7.21 -22.82
CA GLY B 446 -28.66 -6.31 -23.43
C GLY B 446 -28.14 -4.89 -23.55
N ILE B 447 -27.45 -4.39 -22.52
CA ILE B 447 -26.87 -3.06 -22.56
C ILE B 447 -25.73 -3.02 -23.57
N LEU B 448 -24.87 -4.03 -23.53
CA LEU B 448 -23.78 -4.10 -24.49
C LEU B 448 -24.31 -4.09 -25.93
N ARG B 449 -25.35 -4.86 -26.19
CA ARG B 449 -25.91 -4.90 -27.54
C ARG B 449 -26.37 -3.52 -27.97
N THR B 450 -27.14 -2.83 -27.11
CA THR B 450 -27.59 -1.48 -27.42
C THR B 450 -26.41 -0.58 -27.78
N VAL B 451 -25.42 -0.52 -26.87
CA VAL B 451 -24.37 0.44 -26.99
C VAL B 451 -23.43 0.11 -28.15
N LEU B 452 -23.16 -1.19 -28.38
CA LEU B 452 -22.23 -1.59 -29.41
C LEU B 452 -22.85 -1.40 -30.80
N THR B 453 -24.19 -1.54 -30.87
CA THR B 453 -24.92 -1.26 -32.11
C THR B 453 -24.76 0.20 -32.46
N GLU B 454 -24.95 1.07 -31.48
CA GLU B 454 -24.78 2.49 -31.70
C GLU B 454 -23.33 2.84 -32.02
N ALA B 455 -22.36 2.18 -31.35
CA ALA B 455 -20.98 2.53 -31.57
C ALA B 455 -20.57 2.28 -33.03
N TRP B 456 -21.11 1.20 -33.61
CA TRP B 456 -20.81 0.90 -35.01
C TRP B 456 -21.25 2.04 -35.92
N THR B 457 -22.38 2.67 -35.61
CA THR B 457 -22.90 3.76 -36.44
C THR B 457 -21.99 4.98 -36.36
N LYS B 458 -21.19 5.12 -35.29
CA LYS B 458 -20.25 6.23 -35.16
C LYS B 458 -18.95 6.04 -35.96
N LEU B 459 -18.73 4.87 -36.55
CA LEU B 459 -17.48 4.59 -37.25
C LEU B 459 -17.66 4.73 -38.76
N HIS B 460 -16.73 5.43 -39.41
CA HIS B 460 -16.78 5.64 -40.86
C HIS B 460 -16.10 4.46 -41.56
N HIS B 461 -16.93 3.59 -42.16
CA HIS B 461 -16.48 2.37 -42.80
C HIS B 461 -16.24 2.71 -44.28
#